data_6ASC
#
_entry.id   6ASC
#
_cell.length_a   48.053
_cell.length_b   112.682
_cell.length_c   81.162
_cell.angle_alpha   90.00
_cell.angle_beta   100.26
_cell.angle_gamma   90.00
#
_symmetry.space_group_name_H-M   'P 1 21 1'
#
loop_
_entity.id
_entity.type
_entity.pdbx_description
1 polymer 'Nuclease SbcCD subunit D'
2 non-polymer 'MANGANESE (II) ION'
3 non-polymer (5E)-3-butyl-5-[(4-hydroxyphenyl)methylidene]-2-sulfanylidene-1,3-thiazolidin-4-one
4 non-polymer 1,2-ETHANEDIOL
5 water water
#
_entity_poly.entity_id   1
_entity_poly.type   'polypeptide(L)'
_entity_poly.pdbx_seq_one_letter_code
;MGSDKIHHHHHHVINLKELKILHTSDWHLGVTSWTSSRPVDRREELKKALDKVVEEAEKREVDLILLTGDLLHSRNNPSV
VALHDLLDYLKRMMRTAPVVVLPGNHDWKGLKLFGNFVTSISSDITFVMSFEPVDVEAKRGQKVRILPFPYPDESEALRK
NEGDFRFFLESRLNKLYEEALKKEDFAIFMGHFTVEGLAGYAGIEQGREIIINRALIPSVVDYAALGHIHSFREIQKQPL
TIYPGSLIRIDFGEEADEKGAVFVELKRGEPPRYERIDASPLPLKTLYYKKIDTSALKSIRDFCRNFPGYVRVVYEEDSG
ILPDLMGEIDNLVKIE
;
_entity_poly.pdbx_strand_id   A,B
#
# COMPACT_ATOMS: atom_id res chain seq x y z
N ILE A 6 -11.71 24.99 14.06
CA ILE A 6 -12.92 24.17 14.07
C ILE A 6 -12.55 22.69 14.02
N HIS A 7 -13.55 21.86 13.72
CA HIS A 7 -13.35 20.42 13.57
C HIS A 7 -13.18 20.08 12.09
N HIS A 8 -12.68 18.87 11.84
CA HIS A 8 -12.47 18.38 10.48
C HIS A 8 -12.96 16.95 10.35
N HIS A 9 -14.16 16.69 10.88
CA HIS A 9 -14.84 15.42 10.70
C HIS A 9 -16.18 15.66 10.00
N HIS A 10 -16.97 14.61 9.87
CA HIS A 10 -18.24 14.70 9.16
C HIS A 10 -19.27 15.43 10.02
N HIS A 11 -20.21 16.08 9.35
CA HIS A 11 -21.35 16.71 10.01
C HIS A 11 -22.48 15.69 10.15
N HIS A 12 -23.48 16.05 10.97
CA HIS A 12 -24.61 15.16 11.26
C HIS A 12 -25.89 16.00 11.27
N VAL A 13 -26.53 16.08 10.11
CA VAL A 13 -27.71 16.91 9.91
C VAL A 13 -28.93 16.01 10.03
N ILE A 14 -29.82 16.32 10.98
CA ILE A 14 -30.99 15.49 11.20
C ILE A 14 -31.91 15.56 9.99
N ASN A 15 -32.39 14.39 9.56
CA ASN A 15 -33.41 14.27 8.51
C ASN A 15 -32.96 14.90 7.19
N LEU A 16 -31.69 14.73 6.85
CA LEU A 16 -31.17 15.24 5.59
C LEU A 16 -31.32 14.17 4.51
N LYS A 17 -32.01 14.54 3.43
CA LYS A 17 -32.36 13.62 2.34
C LYS A 17 -31.72 14.05 1.03
N GLU A 18 -30.59 14.74 1.10
CA GLU A 18 -29.88 15.20 -0.08
C GLU A 18 -28.45 14.64 -0.07
N LEU A 19 -27.85 14.58 -1.26
CA LEU A 19 -26.51 14.03 -1.43
C LEU A 19 -25.87 14.66 -2.66
N LYS A 20 -24.80 15.41 -2.47
CA LYS A 20 -24.01 15.97 -3.56
C LYS A 20 -22.82 15.06 -3.86
N ILE A 21 -22.68 14.66 -5.12
CA ILE A 21 -21.72 13.65 -5.54
C ILE A 21 -20.75 14.26 -6.54
N LEU A 22 -19.46 13.99 -6.35
CA LEU A 22 -18.45 14.20 -7.37
C LEU A 22 -18.01 12.83 -7.89
N HIS A 23 -18.14 12.63 -9.19
CA HIS A 23 -17.74 11.39 -9.84
C HIS A 23 -16.74 11.73 -10.93
N THR A 24 -15.51 11.28 -10.76
CA THR A 24 -14.49 11.41 -11.79
C THR A 24 -13.84 10.05 -12.01
N SER A 25 -13.22 9.90 -13.17
CA SER A 25 -12.85 8.56 -13.62
C SER A 25 -11.69 8.66 -14.59
N ASP A 26 -10.95 7.54 -14.70
CA ASP A 26 -10.01 7.30 -15.79
C ASP A 26 -8.95 8.39 -15.90
N TRP A 27 -8.26 8.65 -14.79
CA TRP A 27 -7.24 9.69 -14.78
C TRP A 27 -6.06 9.32 -15.68
N HIS A 28 -5.68 8.05 -15.71
CA HIS A 28 -4.51 7.59 -16.47
C HIS A 28 -3.22 8.30 -16.04
N LEU A 29 -3.06 8.48 -14.74
CA LEU A 29 -1.85 9.07 -14.20
C LEU A 29 -0.62 8.28 -14.65
N GLY A 30 0.37 8.99 -15.19
CA GLY A 30 1.61 8.41 -15.64
C GLY A 30 1.74 8.19 -17.12
N VAL A 31 0.74 8.60 -17.91
CA VAL A 31 0.73 8.32 -19.35
C VAL A 31 1.70 9.25 -20.08
N THR A 32 2.43 8.68 -21.04
CA THR A 32 3.14 9.42 -22.06
C THR A 32 2.53 9.03 -23.40
N SER A 33 2.07 10.01 -24.16
CA SER A 33 1.37 9.74 -25.41
C SER A 33 2.35 9.74 -26.59
N TRP A 34 1.99 8.96 -27.62
CA TRP A 34 2.69 8.98 -28.92
C TRP A 34 4.17 8.63 -28.79
N THR A 35 4.46 7.58 -28.01
CA THR A 35 5.84 7.16 -27.82
C THR A 35 6.50 6.72 -29.12
N SER A 36 5.72 6.17 -30.06
CA SER A 36 6.27 5.67 -31.31
C SER A 36 6.63 6.79 -32.29
N SER A 37 6.12 8.01 -32.08
CA SER A 37 6.38 9.11 -32.99
C SER A 37 7.06 10.28 -32.30
N ARG A 38 6.42 10.88 -31.28
CA ARG A 38 7.01 11.98 -30.51
C ARG A 38 6.46 11.91 -29.09
N PRO A 39 7.20 11.33 -28.15
CA PRO A 39 6.67 11.17 -26.80
C PRO A 39 6.33 12.50 -26.15
N VAL A 40 5.18 12.54 -25.48
CA VAL A 40 4.71 13.74 -24.78
C VAL A 40 4.25 13.32 -23.41
N ASP A 41 4.92 13.82 -22.37
CA ASP A 41 4.53 13.55 -20.99
C ASP A 41 3.31 14.39 -20.66
N ARG A 42 2.18 13.74 -20.39
CA ARG A 42 0.91 14.43 -20.17
C ARG A 42 0.73 14.86 -18.72
N ARG A 43 1.75 14.69 -17.87
CA ARG A 43 1.59 14.88 -16.44
C ARG A 43 1.14 16.31 -16.12
N GLU A 44 1.84 17.31 -16.66
CA GLU A 44 1.52 18.69 -16.33
C GLU A 44 0.10 19.05 -16.76
N GLU A 45 -0.29 18.66 -17.97
CA GLU A 45 -1.66 18.91 -18.41
C GLU A 45 -2.65 18.14 -17.53
N LEU A 46 -2.33 16.89 -17.18
CA LEU A 46 -3.25 16.08 -16.38
C LEU A 46 -3.41 16.65 -14.98
N LYS A 47 -2.30 17.10 -14.37
CA LYS A 47 -2.37 17.70 -13.04
C LYS A 47 -3.19 19.00 -13.06
N LYS A 48 -3.09 19.77 -14.14
CA LYS A 48 -3.93 20.95 -14.27
C LYS A 48 -5.41 20.60 -14.27
N ALA A 49 -5.79 19.58 -15.04
CA ALA A 49 -7.18 19.14 -15.06
C ALA A 49 -7.62 18.61 -13.70
N LEU A 50 -6.76 17.84 -13.03
CA LEU A 50 -7.11 17.29 -11.72
C LEU A 50 -7.32 18.41 -10.70
N ASP A 51 -6.48 19.44 -10.74
CA ASP A 51 -6.66 20.58 -9.83
C ASP A 51 -8.01 21.25 -10.07
N LYS A 52 -8.42 21.36 -11.34
CA LYS A 52 -9.72 21.97 -11.64
C LYS A 52 -10.86 21.15 -11.05
N VAL A 53 -10.75 19.82 -11.09
CA VAL A 53 -11.80 18.98 -10.55
C VAL A 53 -11.83 19.07 -9.02
N VAL A 54 -10.65 19.10 -8.39
CA VAL A 54 -10.59 19.23 -6.93
C VAL A 54 -11.19 20.56 -6.49
N GLU A 55 -10.84 21.65 -7.19
CA GLU A 55 -11.37 22.96 -6.82
C GLU A 55 -12.88 22.99 -6.93
N GLU A 56 -13.43 22.37 -7.98
CA GLU A 56 -14.89 22.32 -8.12
C GLU A 56 -15.55 21.50 -7.04
N ALA A 57 -14.88 20.45 -6.56
CA ALA A 57 -15.43 19.67 -5.44
C ALA A 57 -15.52 20.52 -4.18
N GLU A 58 -14.49 21.32 -3.91
CA GLU A 58 -14.50 22.17 -2.72
C GLU A 58 -15.53 23.29 -2.84
N LYS A 59 -15.64 23.91 -4.02
CA LYS A 59 -16.60 25.00 -4.18
C LYS A 59 -18.03 24.53 -3.99
N ARG A 60 -18.37 23.39 -4.60
CA ARG A 60 -19.73 22.85 -4.49
C ARG A 60 -19.98 22.11 -3.19
N GLU A 61 -18.95 21.90 -2.37
CA GLU A 61 -19.06 21.23 -1.07
C GLU A 61 -19.77 19.88 -1.21
N VAL A 62 -19.19 19.03 -2.06
CA VAL A 62 -19.80 17.73 -2.32
C VAL A 62 -19.77 16.91 -1.04
N ASP A 63 -20.71 15.96 -0.95
CA ASP A 63 -20.80 15.06 0.19
C ASP A 63 -20.01 13.77 0.00
N LEU A 64 -19.76 13.39 -1.26
CA LEU A 64 -19.17 12.09 -1.54
C LEU A 64 -18.41 12.19 -2.86
N ILE A 65 -17.25 11.55 -2.93
CA ILE A 65 -16.44 11.55 -4.14
C ILE A 65 -16.29 10.11 -4.61
N LEU A 66 -16.64 9.87 -5.87
CA LEU A 66 -16.61 8.54 -6.45
C LEU A 66 -15.51 8.49 -7.49
N LEU A 67 -14.64 7.48 -7.39
CA LEU A 67 -13.51 7.30 -8.29
C LEU A 67 -13.63 5.94 -8.94
N THR A 68 -13.67 5.92 -10.28
CA THR A 68 -13.76 4.71 -11.06
C THR A 68 -12.72 4.74 -12.17
N GLY A 69 -12.63 3.64 -12.92
CA GLY A 69 -11.77 3.59 -14.08
C GLY A 69 -10.31 3.42 -13.72
N ASP A 70 -9.47 3.60 -14.74
CA ASP A 70 -8.03 3.43 -14.60
C ASP A 70 -7.42 4.74 -14.13
N LEU A 71 -7.32 4.88 -12.81
CA LEU A 71 -6.64 6.05 -12.24
C LEU A 71 -5.16 6.05 -12.59
N LEU A 72 -4.57 4.88 -12.78
CA LEU A 72 -3.19 4.74 -13.20
C LEU A 72 -3.14 4.21 -14.63
N HIS A 73 -2.30 4.81 -15.46
CA HIS A 73 -2.20 4.37 -16.84
C HIS A 73 -1.57 2.99 -16.94
N SER A 74 -0.50 2.75 -16.19
CA SER A 74 0.18 1.47 -16.23
C SER A 74 -0.59 0.44 -15.42
N ARG A 75 -0.93 -0.68 -16.05
CA ARG A 75 -1.70 -1.70 -15.36
C ARG A 75 -0.89 -2.36 -14.24
N ASN A 76 0.39 -2.63 -14.49
CA ASN A 76 1.15 -3.45 -13.55
C ASN A 76 2.53 -2.92 -13.17
N ASN A 77 3.03 -1.85 -13.80
CA ASN A 77 4.30 -1.25 -13.41
C ASN A 77 4.19 0.28 -13.40
N PRO A 78 3.38 0.83 -12.51
CA PRO A 78 3.28 2.29 -12.42
C PRO A 78 4.57 2.90 -11.88
N SER A 79 4.90 4.08 -12.40
CA SER A 79 6.13 4.72 -11.96
C SER A 79 5.94 5.30 -10.55
N VAL A 80 7.06 5.65 -9.93
CA VAL A 80 7.02 6.27 -8.61
C VAL A 80 6.29 7.61 -8.68
N VAL A 81 6.51 8.36 -9.76
CA VAL A 81 5.84 9.66 -9.91
C VAL A 81 4.34 9.48 -10.03
N ALA A 82 3.90 8.49 -10.82
CA ALA A 82 2.47 8.23 -10.97
C ALA A 82 1.85 7.84 -9.64
N LEU A 83 2.48 6.90 -8.93
CA LEU A 83 1.99 6.51 -7.61
C LEU A 83 1.95 7.70 -6.66
N HIS A 84 2.98 8.54 -6.68
CA HIS A 84 3.00 9.73 -5.83
C HIS A 84 1.84 10.65 -6.16
N ASP A 85 1.61 10.92 -7.45
CA ASP A 85 0.49 11.77 -7.84
C ASP A 85 -0.84 11.17 -7.43
N LEU A 86 -0.99 9.85 -7.62
CA LEU A 86 -2.25 9.19 -7.25
C LEU A 86 -2.55 9.38 -5.76
N LEU A 87 -1.60 9.01 -4.90
CA LEU A 87 -1.80 9.16 -3.47
C LEU A 87 -1.96 10.62 -3.07
N ASP A 88 -1.25 11.52 -3.76
CA ASP A 88 -1.37 12.94 -3.48
C ASP A 88 -2.82 13.41 -3.72
N TYR A 89 -3.36 13.10 -4.90
CA TYR A 89 -4.71 13.54 -5.21
C TYR A 89 -5.77 12.75 -4.45
N LEU A 90 -5.49 11.50 -4.08
CA LEU A 90 -6.39 10.81 -3.17
C LEU A 90 -6.55 11.57 -1.86
N LYS A 91 -5.44 12.05 -1.30
CA LYS A 91 -5.51 12.83 -0.07
C LYS A 91 -6.23 14.15 -0.28
N ARG A 92 -6.03 14.79 -1.44
CA ARG A 92 -6.67 16.09 -1.68
C ARG A 92 -8.19 15.95 -1.71
N MET A 93 -8.69 14.83 -2.22
CA MET A 93 -10.13 14.61 -2.19
C MET A 93 -10.62 14.22 -0.79
N MET A 94 -9.90 13.34 -0.10
CA MET A 94 -10.28 12.96 1.25
C MET A 94 -10.41 14.17 2.16
N ARG A 95 -9.60 15.21 1.95
CA ARG A 95 -9.73 16.42 2.74
C ARG A 95 -11.03 17.15 2.42
N THR A 96 -11.60 16.93 1.25
CA THR A 96 -12.83 17.59 0.83
C THR A 96 -14.07 16.83 1.25
N ALA A 97 -14.11 15.53 0.98
CA ALA A 97 -15.28 14.71 1.27
C ALA A 97 -14.84 13.24 1.27
N PRO A 98 -15.63 12.36 1.88
CA PRO A 98 -15.30 10.92 1.83
C PRO A 98 -15.20 10.43 0.38
N VAL A 99 -14.27 9.51 0.17
CA VAL A 99 -13.95 8.99 -1.16
C VAL A 99 -14.30 7.51 -1.20
N VAL A 100 -14.89 7.07 -2.30
CA VAL A 100 -15.09 5.66 -2.57
C VAL A 100 -14.41 5.35 -3.90
N VAL A 101 -13.53 4.35 -3.89
CA VAL A 101 -12.72 4.02 -5.07
C VAL A 101 -13.05 2.60 -5.48
N LEU A 102 -13.41 2.44 -6.75
CA LEU A 102 -13.52 1.13 -7.36
C LEU A 102 -12.30 0.93 -8.25
N PRO A 103 -11.25 0.28 -7.78
CA PRO A 103 -10.03 0.17 -8.59
C PRO A 103 -10.28 -0.63 -9.85
N GLY A 104 -9.62 -0.24 -10.93
CA GLY A 104 -9.83 -0.83 -12.23
C GLY A 104 -9.16 -2.19 -12.38
N ASN A 105 -8.81 -2.52 -13.63
CA ASN A 105 -8.16 -3.78 -13.93
C ASN A 105 -6.71 -3.69 -13.50
N HIS A 106 -6.35 -4.45 -12.47
CA HIS A 106 -4.98 -4.50 -11.97
C HIS A 106 -4.64 -5.96 -11.67
N ASP A 107 -3.34 -6.27 -11.72
CA ASP A 107 -2.87 -7.64 -11.50
C ASP A 107 -2.40 -7.90 -10.08
N TRP A 108 -1.57 -7.01 -9.52
CA TRP A 108 -0.97 -7.21 -8.19
C TRP A 108 -1.99 -7.68 -7.16
N LYS A 109 -1.64 -8.75 -6.44
CA LYS A 109 -2.53 -9.36 -5.49
C LYS A 109 -2.43 -8.77 -4.09
N GLY A 110 -1.29 -8.15 -3.75
CA GLY A 110 -1.20 -7.40 -2.50
C GLY A 110 -2.08 -6.17 -2.46
N LEU A 111 -2.46 -5.64 -3.62
CA LEU A 111 -3.22 -4.40 -3.67
C LEU A 111 -4.55 -4.53 -2.93
N LYS A 112 -5.17 -5.71 -2.94
CA LYS A 112 -6.42 -5.90 -2.22
C LYS A 112 -6.20 -5.83 -0.71
N LEU A 113 -5.09 -6.40 -0.24
CA LEU A 113 -4.76 -6.33 1.18
C LEU A 113 -4.55 -4.89 1.62
N PHE A 114 -3.74 -4.15 0.87
CA PHE A 114 -3.49 -2.75 1.22
C PHE A 114 -4.76 -1.93 1.12
N GLY A 115 -5.59 -2.20 0.11
CA GLY A 115 -6.87 -1.52 -0.01
C GLY A 115 -7.76 -1.76 1.20
N ASN A 116 -7.82 -3.01 1.67
CA ASN A 116 -8.60 -3.29 2.87
C ASN A 116 -7.98 -2.67 4.10
N PHE A 117 -6.64 -2.63 4.17
CA PHE A 117 -5.97 -1.99 5.30
C PHE A 117 -6.28 -0.50 5.34
N VAL A 118 -6.07 0.20 4.22
CA VAL A 118 -6.35 1.64 4.17
C VAL A 118 -7.81 1.91 4.52
N THR A 119 -8.72 1.10 4.00
CA THR A 119 -10.14 1.25 4.32
C THR A 119 -10.40 1.08 5.80
N SER A 120 -9.70 0.14 6.45
CA SER A 120 -9.95 -0.15 7.85
C SER A 120 -9.50 0.97 8.77
N ILE A 121 -8.49 1.73 8.36
CA ILE A 121 -7.84 2.70 9.22
C ILE A 121 -8.31 4.13 8.97
N SER A 122 -9.15 4.35 7.96
CA SER A 122 -9.64 5.68 7.64
C SER A 122 -11.15 5.66 7.47
N SER A 123 -11.81 6.70 7.96
CA SER A 123 -13.24 6.89 7.77
C SER A 123 -13.55 7.87 6.64
N ASP A 124 -12.57 8.15 5.78
CA ASP A 124 -12.75 9.07 4.67
C ASP A 124 -12.32 8.51 3.32
N ILE A 125 -11.94 7.24 3.26
CA ILE A 125 -11.69 6.58 1.97
C ILE A 125 -12.11 5.12 2.11
N THR A 126 -12.71 4.59 1.05
CA THR A 126 -13.15 3.20 0.99
C THR A 126 -12.73 2.62 -0.35
N PHE A 127 -12.03 1.49 -0.31
CA PHE A 127 -11.68 0.74 -1.50
C PHE A 127 -12.58 -0.48 -1.57
N VAL A 128 -13.43 -0.53 -2.58
CA VAL A 128 -14.32 -1.67 -2.80
C VAL A 128 -13.61 -2.64 -3.75
N MET A 129 -13.13 -3.75 -3.20
CA MET A 129 -12.31 -4.68 -3.96
C MET A 129 -13.04 -5.96 -4.32
N SER A 130 -14.34 -6.06 -4.04
CA SER A 130 -15.07 -7.30 -4.31
C SER A 130 -16.51 -6.92 -4.69
N PHE A 131 -17.36 -7.94 -4.83
CA PHE A 131 -18.76 -7.73 -5.13
C PHE A 131 -19.61 -7.42 -3.90
N GLU A 132 -19.03 -7.49 -2.71
CA GLU A 132 -19.80 -7.32 -1.49
C GLU A 132 -20.21 -5.86 -1.32
N PRO A 133 -21.46 -5.58 -0.95
CA PRO A 133 -21.86 -4.20 -0.70
C PRO A 133 -21.18 -3.63 0.54
N VAL A 134 -21.03 -2.31 0.55
CA VAL A 134 -20.46 -1.61 1.70
C VAL A 134 -21.32 -0.38 1.97
N ASP A 135 -21.56 -0.11 3.24
CA ASP A 135 -22.23 1.10 3.67
C ASP A 135 -21.18 2.12 4.09
N VAL A 136 -21.26 3.33 3.55
CA VAL A 136 -20.32 4.40 3.87
C VAL A 136 -21.11 5.61 4.36
N GLU A 137 -20.40 6.56 4.94
CA GLU A 137 -20.97 7.79 5.48
C GLU A 137 -20.45 8.97 4.69
N ALA A 138 -21.37 9.81 4.20
CA ALA A 138 -21.00 10.97 3.41
C ALA A 138 -20.63 12.15 4.32
N LYS A 139 -20.30 13.28 3.69
CA LYS A 139 -19.73 14.42 4.41
C LYS A 139 -20.68 14.95 5.47
N ARG A 140 -21.99 15.00 5.17
CA ARG A 140 -22.99 15.51 6.10
C ARG A 140 -23.74 14.41 6.83
N GLY A 141 -23.14 13.24 6.98
CA GLY A 141 -23.73 12.16 7.75
C GLY A 141 -24.66 11.24 7.00
N GLN A 142 -24.87 11.47 5.69
CA GLN A 142 -25.79 10.63 4.92
C GLN A 142 -25.26 9.19 4.83
N LYS A 143 -26.15 8.23 5.09
CA LYS A 143 -25.81 6.82 4.96
C LYS A 143 -25.95 6.41 3.49
N VAL A 144 -24.86 5.95 2.88
CA VAL A 144 -24.81 5.62 1.47
C VAL A 144 -24.39 4.16 1.32
N ARG A 145 -25.25 3.37 0.68
CA ARG A 145 -24.92 1.97 0.37
C ARG A 145 -24.31 1.88 -1.02
N ILE A 146 -23.13 1.25 -1.10
CA ILE A 146 -22.39 1.12 -2.35
C ILE A 146 -22.56 -0.30 -2.88
N LEU A 147 -22.97 -0.41 -4.14
CA LEU A 147 -23.13 -1.70 -4.80
C LEU A 147 -22.01 -1.85 -5.83
N PRO A 148 -20.92 -2.54 -5.49
CA PRO A 148 -19.77 -2.59 -6.40
C PRO A 148 -19.83 -3.74 -7.39
N PHE A 149 -19.45 -3.44 -8.63
CA PHE A 149 -19.38 -4.45 -9.69
C PHE A 149 -18.00 -4.33 -10.34
N PRO A 150 -16.97 -4.87 -9.70
CA PRO A 150 -15.62 -4.78 -10.27
C PRO A 150 -15.45 -5.77 -11.41
N TYR A 151 -14.33 -5.63 -12.09
CA TYR A 151 -13.93 -6.64 -13.06
C TYR A 151 -13.73 -7.96 -12.31
N PRO A 152 -14.41 -9.04 -12.72
CA PRO A 152 -14.21 -10.32 -12.03
C PRO A 152 -12.77 -10.78 -12.04
N ASP A 153 -12.09 -10.56 -10.92
CA ASP A 153 -10.68 -10.91 -10.77
C ASP A 153 -10.51 -12.43 -10.76
N GLU A 154 -9.27 -12.87 -10.55
CA GLU A 154 -8.90 -14.28 -10.65
C GLU A 154 -9.22 -14.83 -12.03
N SER A 155 -10.50 -14.79 -12.41
CA SER A 155 -10.92 -15.26 -13.71
C SER A 155 -10.88 -14.14 -14.75
N GLU A 156 -9.73 -13.47 -14.86
CA GLU A 156 -9.50 -12.59 -16.00
C GLU A 156 -9.50 -13.38 -17.30
N ALA A 157 -9.05 -14.63 -17.24
CA ALA A 157 -9.41 -15.64 -18.23
C ALA A 157 -10.67 -16.33 -17.72
N LEU A 158 -11.76 -16.23 -18.49
CA LEU A 158 -13.08 -16.63 -17.99
C LEU A 158 -13.10 -18.07 -17.49
N ARG A 159 -12.29 -18.95 -18.09
CA ARG A 159 -12.29 -20.37 -17.77
C ARG A 159 -13.66 -21.01 -17.94
N LYS A 160 -14.52 -20.40 -18.76
CA LYS A 160 -15.87 -20.89 -18.98
C LYS A 160 -16.39 -20.28 -20.28
N ASN A 161 -17.40 -20.94 -20.86
CA ASN A 161 -18.01 -20.44 -22.07
C ASN A 161 -18.80 -19.15 -21.79
N GLU A 162 -19.22 -18.50 -22.88
CA GLU A 162 -19.94 -17.24 -22.81
C GLU A 162 -21.35 -17.38 -22.24
N GLY A 163 -21.80 -18.59 -21.93
CA GLY A 163 -23.17 -18.77 -21.48
C GLY A 163 -23.28 -18.86 -19.97
N ASP A 164 -22.37 -19.61 -19.34
CA ASP A 164 -22.33 -19.65 -17.89
C ASP A 164 -21.77 -18.35 -17.33
N PHE A 165 -20.80 -17.76 -18.03
CA PHE A 165 -20.26 -16.47 -17.62
C PHE A 165 -21.35 -15.40 -17.61
N ARG A 166 -22.13 -15.32 -18.70
CA ARG A 166 -23.22 -14.33 -18.74
C ARG A 166 -24.21 -14.54 -17.61
N PHE A 167 -24.50 -15.79 -17.27
CA PHE A 167 -25.41 -16.07 -16.17
C PHE A 167 -24.78 -15.75 -14.83
N PHE A 168 -23.45 -15.95 -14.71
CA PHE A 168 -22.74 -15.55 -13.50
C PHE A 168 -22.85 -14.04 -13.27
N LEU A 169 -22.57 -13.25 -14.31
CA LEU A 169 -22.67 -11.80 -14.18
C LEU A 169 -24.08 -11.36 -13.82
N GLU A 170 -25.09 -11.94 -14.48
CA GLU A 170 -26.47 -11.59 -14.16
C GLU A 170 -26.81 -11.95 -12.72
N SER A 171 -26.35 -13.11 -12.24
CA SER A 171 -26.58 -13.48 -10.86
CA SER A 171 -26.59 -13.48 -10.86
C SER A 171 -25.98 -12.46 -9.90
N ARG A 172 -24.77 -11.99 -10.19
CA ARG A 172 -24.17 -10.96 -9.36
C ARG A 172 -24.97 -9.67 -9.40
N LEU A 173 -25.48 -9.30 -10.58
CA LEU A 173 -26.32 -8.11 -10.68
C LEU A 173 -27.62 -8.28 -9.90
N ASN A 174 -28.19 -9.49 -9.91
CA ASN A 174 -29.41 -9.74 -9.15
C ASN A 174 -29.17 -9.60 -7.66
N LYS A 175 -28.07 -10.18 -7.17
CA LYS A 175 -27.71 -10.03 -5.76
C LYS A 175 -27.55 -8.56 -5.39
N LEU A 176 -26.85 -7.78 -6.23
CA LEU A 176 -26.71 -6.35 -5.96
C LEU A 176 -28.06 -5.66 -5.91
N TYR A 177 -28.97 -6.02 -6.81
CA TYR A 177 -30.32 -5.50 -6.77
C TYR A 177 -30.98 -5.80 -5.43
N GLU A 178 -30.89 -7.04 -4.97
CA GLU A 178 -31.50 -7.43 -3.70
C GLU A 178 -30.88 -6.66 -2.53
N GLU A 179 -29.56 -6.46 -2.58
CA GLU A 179 -28.91 -5.71 -1.52
C GLU A 179 -29.22 -4.21 -1.60
N ALA A 180 -29.44 -3.69 -2.82
CA ALA A 180 -29.83 -2.29 -2.95
C ALA A 180 -31.21 -2.04 -2.36
N LEU A 181 -32.07 -3.06 -2.33
CA LEU A 181 -33.38 -2.91 -1.71
C LEU A 181 -33.26 -2.75 -0.20
N LYS A 182 -32.26 -3.38 0.41
CA LYS A 182 -32.02 -3.24 1.85
C LYS A 182 -31.21 -2.00 2.18
N LYS A 183 -31.53 -0.86 1.55
CA LYS A 183 -30.78 0.36 1.72
C LYS A 183 -31.43 1.25 2.76
N GLU A 184 -30.62 2.12 3.37
CA GLU A 184 -31.12 3.07 4.34
C GLU A 184 -31.56 4.34 3.64
N ASP A 185 -30.62 5.20 3.27
CA ASP A 185 -30.94 6.45 2.59
C ASP A 185 -30.72 6.34 1.10
N PHE A 186 -29.46 6.43 0.66
CA PHE A 186 -29.12 6.39 -0.75
C PHE A 186 -28.40 5.08 -1.08
N ALA A 187 -28.40 4.75 -2.37
CA ALA A 187 -27.70 3.58 -2.89
C ALA A 187 -27.05 3.94 -4.21
N ILE A 188 -25.75 3.65 -4.33
CA ILE A 188 -24.99 3.99 -5.53
C ILE A 188 -24.36 2.72 -6.08
N PHE A 189 -24.52 2.52 -7.39
CA PHE A 189 -23.89 1.42 -8.09
C PHE A 189 -22.58 1.91 -8.70
N MET A 190 -21.54 1.09 -8.57
CA MET A 190 -20.23 1.39 -9.15
C MET A 190 -19.77 0.18 -9.94
N GLY A 191 -19.47 0.38 -11.21
CA GLY A 191 -19.13 -0.73 -12.09
C GLY A 191 -17.98 -0.40 -13.01
N HIS A 192 -17.23 -1.44 -13.37
CA HIS A 192 -16.04 -1.35 -14.22
C HIS A 192 -16.25 -2.34 -15.35
N PHE A 193 -16.96 -1.91 -16.40
CA PHE A 193 -17.29 -2.77 -17.53
C PHE A 193 -17.73 -1.89 -18.70
N THR A 194 -18.03 -2.52 -19.83
CA THR A 194 -18.46 -1.85 -21.03
C THR A 194 -19.95 -2.09 -21.24
N VAL A 195 -20.73 -1.01 -21.28
CA VAL A 195 -22.16 -1.13 -21.54
C VAL A 195 -22.38 -1.68 -22.94
N GLU A 196 -23.34 -2.59 -23.08
CA GLU A 196 -23.57 -3.27 -24.34
C GLU A 196 -23.95 -2.30 -25.44
N GLY A 197 -23.33 -2.46 -26.61
CA GLY A 197 -23.64 -1.64 -27.75
C GLY A 197 -23.38 -0.17 -27.53
N LEU A 198 -22.16 0.18 -27.12
CA LEU A 198 -21.83 1.57 -26.88
C LEU A 198 -21.69 2.33 -28.19
N ALA A 199 -22.36 3.47 -28.31
CA ALA A 199 -22.46 4.22 -29.55
C ALA A 199 -21.26 5.15 -29.69
N GLY A 200 -20.53 5.01 -30.79
CA GLY A 200 -19.31 5.77 -30.99
C GLY A 200 -18.15 5.34 -30.13
N TYR A 201 -18.14 4.08 -29.71
CA TYR A 201 -17.04 3.50 -28.93
C TYR A 201 -16.18 2.71 -29.90
N ALA A 202 -14.97 3.21 -30.16
CA ALA A 202 -14.08 2.59 -31.14
C ALA A 202 -13.92 1.10 -30.89
N GLY A 203 -13.51 0.73 -29.68
CA GLY A 203 -13.30 -0.66 -29.35
C GLY A 203 -12.32 -0.81 -28.22
N ILE A 204 -12.02 -2.06 -27.90
CA ILE A 204 -11.12 -2.37 -26.80
C ILE A 204 -9.72 -1.91 -27.15
N GLU A 205 -9.12 -1.09 -26.28
CA GLU A 205 -7.76 -0.61 -26.48
C GLU A 205 -6.80 -1.62 -25.86
N GLN A 206 -6.58 -2.70 -26.60
CA GLN A 206 -5.69 -3.79 -26.20
C GLN A 206 -6.06 -4.34 -24.82
N GLY A 207 -7.25 -4.93 -24.76
CA GLY A 207 -7.73 -5.53 -23.53
C GLY A 207 -8.97 -6.36 -23.75
N ARG A 208 -9.25 -7.23 -22.78
CA ARG A 208 -10.46 -8.05 -22.79
C ARG A 208 -11.59 -7.30 -22.11
N GLU A 209 -12.70 -7.16 -22.82
CA GLU A 209 -13.82 -6.33 -22.39
C GLU A 209 -14.96 -7.18 -21.84
N ILE A 210 -15.60 -6.68 -20.78
CA ILE A 210 -16.81 -7.28 -20.23
C ILE A 210 -18.02 -6.46 -20.64
N ILE A 211 -19.00 -7.11 -21.25
CA ILE A 211 -20.15 -6.46 -21.85
C ILE A 211 -21.35 -6.71 -20.94
N ILE A 212 -22.03 -5.62 -20.55
CA ILE A 212 -23.19 -5.70 -19.67
C ILE A 212 -24.29 -4.84 -20.26
N ASN A 213 -25.48 -5.41 -20.39
CA ASN A 213 -26.63 -4.65 -20.87
C ASN A 213 -27.07 -3.64 -19.83
N ARG A 214 -27.31 -2.40 -20.28
CA ARG A 214 -27.61 -1.32 -19.33
C ARG A 214 -28.90 -1.55 -18.56
N ALA A 215 -29.82 -2.36 -19.10
CA ALA A 215 -31.04 -2.69 -18.36
C ALA A 215 -30.77 -3.62 -17.19
N LEU A 216 -29.62 -4.29 -17.17
CA LEU A 216 -29.26 -5.18 -16.07
C LEU A 216 -28.67 -4.44 -14.88
N ILE A 217 -28.41 -3.15 -15.01
CA ILE A 217 -27.94 -2.32 -13.89
C ILE A 217 -29.12 -2.11 -12.94
N PRO A 218 -28.98 -2.46 -11.65
CA PRO A 218 -30.12 -2.40 -10.71
C PRO A 218 -30.88 -1.07 -10.74
N SER A 219 -32.15 -1.12 -11.13
CA SER A 219 -32.92 0.11 -11.29
C SER A 219 -33.19 0.82 -9.97
N VAL A 220 -33.01 0.14 -8.83
CA VAL A 220 -33.39 0.71 -7.54
C VAL A 220 -32.23 1.44 -6.89
N VAL A 221 -31.22 1.80 -7.67
CA VAL A 221 -30.12 2.61 -7.16
C VAL A 221 -30.38 4.05 -7.57
N ASP A 222 -29.87 4.99 -6.78
CA ASP A 222 -30.04 6.41 -7.06
C ASP A 222 -29.09 6.90 -8.14
N TYR A 223 -28.00 6.18 -8.39
CA TYR A 223 -27.01 6.59 -9.37
C TYR A 223 -26.12 5.41 -9.71
N ALA A 224 -25.74 5.29 -10.97
CA ALA A 224 -24.85 4.22 -11.42
C ALA A 224 -23.57 4.85 -11.95
N ALA A 225 -22.49 4.71 -11.18
CA ALA A 225 -21.20 5.32 -11.48
C ALA A 225 -20.30 4.32 -12.21
N LEU A 226 -20.11 4.54 -13.50
CA LEU A 226 -19.31 3.63 -14.33
C LEU A 226 -17.97 4.28 -14.68
N GLY A 227 -17.03 3.43 -15.09
CA GLY A 227 -15.72 3.87 -15.51
C GLY A 227 -15.19 2.86 -16.52
N HIS A 228 -13.98 3.14 -17.03
CA HIS A 228 -13.16 2.34 -17.93
C HIS A 228 -13.16 2.87 -19.37
N ILE A 229 -14.13 3.71 -19.73
CA ILE A 229 -14.17 4.30 -21.08
C ILE A 229 -13.74 5.76 -21.00
N HIS A 230 -13.03 6.21 -22.03
CA HIS A 230 -12.40 7.53 -22.04
C HIS A 230 -13.38 8.68 -22.28
N SER A 231 -14.54 8.42 -22.88
CA SER A 231 -15.45 9.48 -23.31
C SER A 231 -16.65 9.55 -22.37
N PHE A 232 -17.06 10.79 -22.03
CA PHE A 232 -18.27 10.96 -21.25
C PHE A 232 -19.46 10.39 -22.00
N ARG A 233 -20.31 9.65 -21.28
CA ARG A 233 -21.52 9.10 -21.86
C ARG A 233 -22.61 9.12 -20.80
N GLU A 234 -23.76 9.69 -21.12
CA GLU A 234 -24.96 9.53 -20.31
C GLU A 234 -25.69 8.30 -20.84
N ILE A 235 -25.48 7.16 -20.16
CA ILE A 235 -26.02 5.90 -20.66
C ILE A 235 -27.54 5.89 -20.56
N GLN A 236 -28.08 6.30 -19.42
CA GLN A 236 -29.52 6.31 -19.21
C GLN A 236 -29.85 7.26 -18.06
N LYS A 237 -31.14 7.51 -17.88
CA LYS A 237 -31.63 8.45 -16.87
C LYS A 237 -32.25 7.79 -15.66
N GLN A 238 -32.71 6.54 -15.78
CA GLN A 238 -33.34 5.82 -14.67
C GLN A 238 -32.91 4.36 -14.73
N PRO A 239 -31.91 3.96 -13.92
CA PRO A 239 -31.21 4.88 -13.01
C PRO A 239 -30.16 5.71 -13.75
N LEU A 240 -29.94 6.95 -13.31
CA LEU A 240 -28.95 7.80 -13.97
C LEU A 240 -27.60 7.09 -13.99
N THR A 241 -27.12 6.81 -15.20
CA THR A 241 -25.92 6.00 -15.42
C THR A 241 -24.95 6.78 -16.29
N ILE A 242 -23.78 7.09 -15.74
CA ILE A 242 -22.82 8.00 -16.40
C ILE A 242 -21.42 7.41 -16.36
N TYR A 243 -20.75 7.42 -17.52
CA TYR A 243 -19.30 7.39 -17.58
C TYR A 243 -18.80 8.83 -17.57
N PRO A 244 -17.94 9.23 -16.64
CA PRO A 244 -17.45 10.63 -16.68
C PRO A 244 -16.46 10.88 -17.79
N GLY A 245 -15.75 9.85 -18.26
CA GLY A 245 -14.68 10.02 -19.22
C GLY A 245 -13.37 10.37 -18.54
N SER A 246 -12.31 10.43 -19.36
CA SER A 246 -11.01 10.83 -18.86
C SER A 246 -10.93 12.35 -18.71
N LEU A 247 -9.86 12.80 -18.07
CA LEU A 247 -9.64 14.23 -17.86
C LEU A 247 -8.79 14.87 -18.94
N ILE A 248 -8.09 14.08 -19.75
CA ILE A 248 -7.34 14.59 -20.89
C ILE A 248 -7.68 13.74 -22.11
N ARG A 249 -7.36 14.27 -23.28
CA ARG A 249 -7.52 13.53 -24.53
C ARG A 249 -6.28 12.67 -24.69
N ILE A 250 -6.43 11.36 -24.40
CA ILE A 250 -5.28 10.46 -24.37
C ILE A 250 -4.70 10.27 -25.77
N ASP A 251 -5.56 10.12 -26.77
CA ASP A 251 -5.13 9.92 -28.14
C ASP A 251 -6.15 10.56 -29.07
N PHE A 252 -5.84 10.55 -30.37
CA PHE A 252 -6.60 11.35 -31.33
C PHE A 252 -7.99 10.81 -31.60
N GLY A 253 -8.29 9.57 -31.19
CA GLY A 253 -9.68 9.12 -31.20
C GLY A 253 -10.57 9.94 -30.30
N GLU A 254 -9.99 10.70 -29.37
CA GLU A 254 -10.74 11.52 -28.44
C GLU A 254 -10.74 12.99 -28.84
N GLU A 255 -10.49 13.27 -30.13
CA GLU A 255 -10.41 14.64 -30.62
C GLU A 255 -11.72 15.39 -30.39
N ALA A 256 -12.85 14.74 -30.62
CA ALA A 256 -14.16 15.38 -30.50
C ALA A 256 -14.80 15.23 -29.12
N ASP A 257 -14.08 14.64 -28.16
CA ASP A 257 -14.62 14.41 -26.83
C ASP A 257 -14.61 15.67 -25.98
N GLU A 258 -15.58 15.76 -25.07
CA GLU A 258 -15.57 16.70 -23.97
C GLU A 258 -15.11 15.98 -22.71
N LYS A 259 -14.10 16.54 -22.05
CA LYS A 259 -13.42 15.88 -20.94
C LYS A 259 -13.72 16.58 -19.62
N GLY A 260 -13.97 15.79 -18.58
CA GLY A 260 -14.14 16.36 -17.25
C GLY A 260 -14.69 15.35 -16.27
N ALA A 261 -15.32 15.88 -15.21
CA ALA A 261 -15.97 15.10 -14.17
C ALA A 261 -17.47 15.38 -14.18
N VAL A 262 -18.19 14.84 -13.19
CA VAL A 262 -19.63 14.99 -13.11
C VAL A 262 -20.01 15.35 -11.67
N PHE A 263 -20.87 16.37 -11.52
CA PHE A 263 -21.49 16.70 -10.25
C PHE A 263 -22.93 16.21 -10.27
N VAL A 264 -23.27 15.29 -9.37
CA VAL A 264 -24.60 14.70 -9.30
C VAL A 264 -25.24 15.11 -7.97
N GLU A 265 -26.47 15.58 -8.03
CA GLU A 265 -27.23 15.93 -6.82
C GLU A 265 -28.45 15.03 -6.71
N LEU A 266 -28.59 14.37 -5.57
CA LEU A 266 -29.71 13.48 -5.29
C LEU A 266 -30.57 14.10 -4.19
N LYS A 267 -31.89 14.01 -4.37
CA LYS A 267 -32.84 14.47 -3.37
C LYS A 267 -33.97 13.44 -3.27
N ARG A 268 -34.23 12.94 -2.07
CA ARG A 268 -35.31 12.00 -1.88
C ARG A 268 -36.64 12.67 -2.17
N GLY A 269 -37.39 12.13 -3.13
CA GLY A 269 -38.63 12.71 -3.60
C GLY A 269 -38.50 13.47 -4.90
N GLU A 270 -37.28 13.82 -5.30
CA GLU A 270 -37.03 14.56 -6.52
C GLU A 270 -36.22 13.70 -7.50
N PRO A 271 -36.30 13.98 -8.80
CA PRO A 271 -35.47 13.26 -9.77
C PRO A 271 -34.03 13.74 -9.70
N PRO A 272 -33.06 12.86 -9.95
CA PRO A 272 -31.66 13.28 -9.86
C PRO A 272 -31.30 14.23 -10.99
N ARG A 273 -30.37 15.13 -10.72
CA ARG A 273 -29.85 16.07 -11.70
C ARG A 273 -28.34 16.10 -11.61
N TYR A 274 -27.69 16.38 -12.74
CA TYR A 274 -26.24 16.43 -12.75
C TYR A 274 -25.75 17.54 -13.67
N GLU A 275 -24.57 18.03 -13.36
CA GLU A 275 -23.86 19.00 -14.19
C GLU A 275 -22.51 18.42 -14.55
N ARG A 276 -22.03 18.69 -15.76
CA ARG A 276 -20.70 18.28 -16.17
C ARG A 276 -19.68 19.33 -15.74
N ILE A 277 -18.62 18.88 -15.11
CA ILE A 277 -17.51 19.75 -14.71
C ILE A 277 -16.43 19.61 -15.78
N ASP A 278 -16.27 20.66 -16.58
CA ASP A 278 -15.34 20.58 -17.71
C ASP A 278 -13.91 20.82 -17.23
N ALA A 279 -13.01 19.91 -17.57
CA ALA A 279 -11.61 20.05 -17.23
C ALA A 279 -10.83 20.86 -18.25
N SER A 280 -11.41 21.13 -19.43
CA SER A 280 -10.84 21.91 -20.52
C SER A 280 -9.37 21.56 -20.73
N PRO A 281 -9.05 20.34 -21.16
CA PRO A 281 -7.67 19.98 -21.43
C PRO A 281 -7.26 20.47 -22.82
N LEU A 282 -6.03 20.17 -23.19
CA LEU A 282 -5.54 20.63 -24.48
C LEU A 282 -6.32 19.97 -25.61
N PRO A 283 -6.57 20.68 -26.70
CA PRO A 283 -7.29 20.09 -27.83
C PRO A 283 -6.38 19.25 -28.71
N LEU A 284 -7.01 18.38 -29.50
CA LEU A 284 -6.33 17.57 -30.50
C LEU A 284 -6.91 17.87 -31.88
N LYS A 285 -6.09 17.68 -32.91
CA LYS A 285 -6.56 17.86 -34.28
C LYS A 285 -5.83 16.90 -35.20
N THR A 286 -6.59 16.22 -36.08
CA THR A 286 -6.01 15.39 -37.12
C THR A 286 -6.20 16.08 -38.47
N LEU A 287 -5.10 16.19 -39.23
CA LEU A 287 -5.10 16.80 -40.54
C LEU A 287 -4.93 15.71 -41.59
N TYR A 288 -5.84 15.68 -42.58
CA TYR A 288 -5.87 14.63 -43.59
C TYR A 288 -5.44 15.18 -44.95
N TYR A 289 -4.56 14.45 -45.62
CA TYR A 289 -4.10 14.82 -46.95
C TYR A 289 -3.90 13.55 -47.79
N LYS A 290 -4.01 13.70 -49.12
CA LYS A 290 -3.69 12.57 -49.99
C LYS A 290 -2.18 12.39 -50.07
N LYS A 291 -1.47 13.44 -50.49
CA LYS A 291 -0.02 13.51 -50.45
C LYS A 291 0.36 14.80 -49.75
N ILE A 292 1.61 14.87 -49.28
CA ILE A 292 2.12 16.08 -48.64
C ILE A 292 2.81 16.86 -49.76
N ASP A 293 2.01 17.69 -50.45
CA ASP A 293 2.48 18.57 -51.50
C ASP A 293 2.63 19.99 -50.96
N THR A 294 2.99 20.91 -51.84
CA THR A 294 3.22 22.29 -51.40
C THR A 294 1.96 22.91 -50.81
N SER A 295 0.78 22.54 -51.32
CA SER A 295 -0.46 23.01 -50.72
C SER A 295 -0.65 22.44 -49.32
N ALA A 296 -0.31 21.16 -49.14
CA ALA A 296 -0.47 20.53 -47.82
C ALA A 296 0.50 21.13 -46.81
N LEU A 297 1.75 21.36 -47.22
CA LEU A 297 2.73 21.96 -46.31
C LEU A 297 2.25 23.31 -45.79
N LYS A 298 1.63 24.12 -46.65
CA LYS A 298 1.11 25.40 -46.21
C LYS A 298 -0.02 25.23 -45.21
N SER A 299 -0.94 24.30 -45.48
CA SER A 299 -2.07 24.10 -44.58
C SER A 299 -1.61 23.58 -43.21
N ILE A 300 -0.59 22.72 -43.20
CA ILE A 300 -0.08 22.19 -41.94
C ILE A 300 0.60 23.28 -41.12
N ARG A 301 1.52 24.01 -41.74
CA ARG A 301 2.23 25.06 -41.01
C ARG A 301 1.29 26.16 -40.53
N ASP A 302 0.28 26.50 -41.34
CA ASP A 302 -0.65 27.56 -40.95
C ASP A 302 -1.52 27.14 -39.77
N PHE A 303 -2.01 25.90 -39.77
CA PHE A 303 -2.90 25.47 -38.70
C PHE A 303 -2.14 25.30 -37.39
N CYS A 304 -1.00 24.61 -37.44
CA CYS A 304 -0.23 24.33 -36.22
C CYS A 304 0.32 25.58 -35.56
N ARG A 305 0.51 26.67 -36.32
CA ARG A 305 1.20 27.84 -35.79
C ARG A 305 0.51 28.42 -34.56
N ASN A 306 -0.82 28.52 -34.60
CA ASN A 306 -1.58 29.12 -33.50
C ASN A 306 -2.52 28.13 -32.84
N PHE A 307 -2.25 26.83 -32.95
CA PHE A 307 -3.09 25.82 -32.33
C PHE A 307 -2.51 25.44 -30.98
N PRO A 308 -3.25 25.62 -29.89
CA PRO A 308 -2.69 25.40 -28.55
C PRO A 308 -2.69 23.94 -28.09
N GLY A 309 -2.90 23.00 -29.00
CA GLY A 309 -2.94 21.59 -28.64
C GLY A 309 -2.02 20.76 -29.49
N TYR A 310 -2.30 19.47 -29.63
CA TYR A 310 -1.43 18.56 -30.36
C TYR A 310 -2.07 18.16 -31.68
N VAL A 311 -1.24 18.02 -32.71
CA VAL A 311 -1.71 17.82 -34.08
C VAL A 311 -1.19 16.50 -34.63
N ARG A 312 -2.07 15.77 -35.32
CA ARG A 312 -1.69 14.58 -36.07
C ARG A 312 -1.94 14.82 -37.55
N VAL A 313 -1.02 14.35 -38.38
CA VAL A 313 -1.14 14.45 -39.84
C VAL A 313 -1.25 13.04 -40.39
N VAL A 314 -2.32 12.80 -41.16
CA VAL A 314 -2.55 11.51 -41.81
C VAL A 314 -2.52 11.74 -43.32
N TYR A 315 -1.67 10.99 -44.01
CA TYR A 315 -1.56 11.08 -45.47
C TYR A 315 -1.49 9.67 -46.04
N GLU A 316 -1.68 9.59 -47.36
CA GLU A 316 -1.81 8.30 -48.04
C GLU A 316 -0.50 7.80 -48.64
N GLU A 317 0.10 8.59 -49.54
CA GLU A 317 1.27 8.16 -50.31
C GLU A 317 2.47 9.07 -50.10
N ASP A 318 3.65 8.46 -49.99
CA ASP A 318 4.91 9.20 -50.01
C ASP A 318 5.13 9.87 -51.36
N SER A 319 5.40 11.18 -51.34
CA SER A 319 5.62 11.97 -52.54
C SER A 319 7.02 12.56 -52.56
N GLY A 320 7.99 11.80 -52.09
CA GLY A 320 9.36 12.23 -51.98
C GLY A 320 9.84 12.35 -50.55
N ILE A 321 10.91 13.15 -50.37
CA ILE A 321 11.48 13.33 -49.04
C ILE A 321 10.67 14.37 -48.29
N LEU A 322 10.34 14.07 -47.05
CA LEU A 322 9.52 15.02 -46.32
C LEU A 322 10.40 15.92 -45.47
N PRO A 323 10.09 17.22 -45.44
CA PRO A 323 10.86 18.15 -44.59
C PRO A 323 10.71 17.83 -43.12
N ASP A 324 11.65 18.33 -42.32
CA ASP A 324 11.62 18.12 -40.88
C ASP A 324 10.44 18.86 -40.25
N LEU A 325 9.22 18.40 -40.53
CA LEU A 325 8.04 19.06 -40.00
C LEU A 325 8.01 19.00 -38.47
N MET A 326 8.43 17.88 -37.89
CA MET A 326 8.47 17.76 -36.45
C MET A 326 9.62 18.54 -35.83
N GLY A 327 10.41 19.23 -36.63
CA GLY A 327 11.44 20.10 -36.10
C GLY A 327 10.97 21.53 -36.09
N GLU A 328 10.40 21.98 -37.21
CA GLU A 328 9.86 23.34 -37.27
C GLU A 328 8.55 23.49 -36.52
N ILE A 329 7.85 22.38 -36.27
CA ILE A 329 6.55 22.41 -35.60
C ILE A 329 6.68 21.52 -34.35
N ASP A 330 6.88 22.15 -33.19
CA ASP A 330 6.90 21.42 -31.93
C ASP A 330 5.50 20.94 -31.53
N ASN A 331 4.48 21.34 -32.26
CA ASN A 331 3.09 20.99 -32.02
C ASN A 331 2.70 19.67 -32.68
N LEU A 332 3.49 19.23 -33.66
CA LEU A 332 3.17 18.09 -34.51
C LEU A 332 3.73 16.83 -33.87
N VAL A 333 2.85 15.95 -33.37
CA VAL A 333 3.27 14.81 -32.59
C VAL A 333 3.21 13.49 -33.36
N LYS A 334 2.57 13.46 -34.52
CA LYS A 334 2.40 12.20 -35.24
C LYS A 334 2.16 12.48 -36.72
N ILE A 335 2.94 11.82 -37.57
CA ILE A 335 2.74 11.84 -39.01
C ILE A 335 2.66 10.38 -39.45
N GLU A 336 2.20 9.51 -38.54
CA GLU A 336 2.12 8.08 -38.76
C GLU A 336 3.51 7.47 -38.93
N LEU B 16 1.32 15.25 31.03
CA LEU B 16 1.50 13.87 31.46
C LEU B 16 2.97 13.54 31.62
N LYS B 17 3.32 12.96 32.77
CA LYS B 17 4.71 12.68 33.11
C LYS B 17 4.99 11.18 33.21
N GLU B 18 4.14 10.36 32.62
CA GLU B 18 4.35 8.92 32.53
C GLU B 18 4.18 8.47 31.09
N LEU B 19 4.79 7.32 30.77
CA LEU B 19 4.68 6.77 29.41
C LEU B 19 4.96 5.27 29.49
N LYS B 20 3.94 4.46 29.22
CA LYS B 20 4.09 3.01 29.13
C LYS B 20 4.25 2.60 27.68
N ILE B 21 5.30 1.83 27.40
CA ILE B 21 5.70 1.47 26.05
C ILE B 21 5.67 -0.04 25.88
N LEU B 22 5.12 -0.50 24.76
CA LEU B 22 5.31 -1.86 24.29
C LEU B 22 6.23 -1.80 23.09
N HIS B 23 7.37 -2.49 23.16
CA HIS B 23 8.35 -2.51 22.08
C HIS B 23 8.54 -3.96 21.66
N THR B 24 8.16 -4.27 20.43
CA THR B 24 8.42 -5.57 19.85
C THR B 24 9.07 -5.38 18.49
N SER B 25 9.75 -6.42 18.03
CA SER B 25 10.64 -6.28 16.90
C SER B 25 10.83 -7.63 16.22
N ASP B 26 11.22 -7.56 14.95
CA ASP B 26 11.78 -8.71 14.23
C ASP B 26 10.83 -9.90 14.21
N TRP B 27 9.59 -9.66 13.77
CA TRP B 27 8.59 -10.71 13.72
C TRP B 27 8.96 -11.80 12.73
N HIS B 28 9.58 -11.41 11.60
CA HIS B 28 9.93 -12.34 10.54
C HIS B 28 8.70 -13.08 10.01
N LEU B 29 7.60 -12.35 9.87
CA LEU B 29 6.39 -12.94 9.32
C LEU B 29 6.68 -13.52 7.94
N GLY B 30 6.28 -14.77 7.74
CA GLY B 30 6.46 -15.44 6.47
C GLY B 30 7.64 -16.38 6.42
N VAL B 31 8.35 -16.57 7.52
CA VAL B 31 9.55 -17.39 7.51
C VAL B 31 9.17 -18.86 7.46
N THR B 32 9.89 -19.62 6.65
CA THR B 32 9.90 -21.07 6.69
C THR B 32 11.32 -21.47 7.08
N SER B 33 11.45 -22.23 8.16
CA SER B 33 12.76 -22.57 8.69
C SER B 33 13.26 -23.89 8.11
N TRP B 34 14.58 -24.00 8.00
CA TRP B 34 15.26 -25.24 7.62
C TRP B 34 14.80 -25.72 6.25
N THR B 35 14.71 -24.78 5.30
CA THR B 35 14.29 -25.10 3.94
C THR B 35 15.26 -26.08 3.27
N SER B 36 16.54 -26.02 3.63
CA SER B 36 17.53 -26.89 3.00
C SER B 36 17.43 -28.33 3.47
N SER B 37 16.79 -28.58 4.61
CA SER B 37 16.70 -29.93 5.17
C SER B 37 15.26 -30.40 5.33
N ARG B 38 14.44 -29.71 6.12
CA ARG B 38 13.04 -30.06 6.29
C ARG B 38 12.26 -28.78 6.53
N PRO B 39 11.62 -28.23 5.50
CA PRO B 39 10.93 -26.94 5.66
C PRO B 39 9.80 -27.01 6.69
N VAL B 40 9.72 -25.99 7.53
CA VAL B 40 8.70 -25.88 8.55
C VAL B 40 8.15 -24.46 8.50
N ASP B 41 6.86 -24.34 8.16
CA ASP B 41 6.17 -23.06 8.13
C ASP B 41 5.90 -22.63 9.57
N ARG B 42 6.52 -21.54 10.01
CA ARG B 42 6.42 -21.09 11.39
C ARG B 42 5.20 -20.21 11.64
N ARG B 43 4.29 -20.10 10.66
CA ARG B 43 3.21 -19.11 10.74
C ARG B 43 2.34 -19.34 11.98
N GLU B 44 1.88 -20.58 12.17
CA GLU B 44 0.97 -20.86 13.28
C GLU B 44 1.61 -20.55 14.63
N GLU B 45 2.87 -20.99 14.81
CA GLU B 45 3.58 -20.68 16.05
C GLU B 45 3.78 -19.18 16.21
N LEU B 46 4.14 -18.50 15.12
CA LEU B 46 4.42 -17.07 15.19
C LEU B 46 3.16 -16.27 15.54
N LYS B 47 2.02 -16.63 14.93
CA LYS B 47 0.78 -15.92 15.24
C LYS B 47 0.38 -16.13 16.70
N LYS B 48 0.61 -17.33 17.24
CA LYS B 48 0.34 -17.57 18.65
C LYS B 48 1.19 -16.66 19.53
N ALA B 49 2.48 -16.54 19.22
CA ALA B 49 3.35 -15.64 19.95
C ALA B 49 2.91 -14.20 19.79
N LEU B 50 2.52 -13.81 18.56
CA LEU B 50 2.06 -12.45 18.33
C LEU B 50 0.79 -12.16 19.11
N ASP B 51 -0.13 -13.13 19.17
CA ASP B 51 -1.35 -12.95 19.95
C ASP B 51 -1.04 -12.71 21.41
N LYS B 52 -0.07 -13.43 21.96
CA LYS B 52 0.28 -13.25 23.37
C LYS B 52 0.83 -11.86 23.63
N VAL B 53 1.60 -11.32 22.68
CA VAL B 53 2.13 -9.96 22.84
C VAL B 53 1.01 -8.93 22.72
N VAL B 54 0.07 -9.14 21.79
CA VAL B 54 -1.06 -8.22 21.67
C VAL B 54 -1.88 -8.22 22.95
N GLU B 55 -2.17 -9.42 23.48
CA GLU B 55 -2.96 -9.50 24.72
C GLU B 55 -2.26 -8.79 25.86
N GLU B 56 -0.93 -8.95 25.96
CA GLU B 56 -0.18 -8.30 27.04
C GLU B 56 -0.17 -6.79 26.88
N ALA B 57 -0.17 -6.29 25.64
CA ALA B 57 -0.28 -4.85 25.43
C ALA B 57 -1.62 -4.31 25.94
N GLU B 58 -2.70 -5.07 25.70
CA GLU B 58 -4.02 -4.65 26.17
C GLU B 58 -4.11 -4.71 27.68
N LYS B 59 -3.56 -5.76 28.28
CA LYS B 59 -3.63 -5.94 29.73
C LYS B 59 -2.90 -4.81 30.46
N ARG B 60 -1.70 -4.47 30.00
CA ARG B 60 -0.92 -3.42 30.64
C ARG B 60 -1.33 -2.02 30.22
N GLU B 61 -2.22 -1.90 29.24
CA GLU B 61 -2.74 -0.60 28.78
C GLU B 61 -1.61 0.36 28.42
N VAL B 62 -0.77 -0.08 27.47
CA VAL B 62 0.36 0.74 27.04
C VAL B 62 -0.13 2.00 26.35
N ASP B 63 0.70 3.04 26.40
CA ASP B 63 0.39 4.31 25.74
C ASP B 63 0.94 4.40 24.32
N LEU B 64 1.95 3.61 23.99
CA LEU B 64 2.63 3.72 22.71
C LEU B 64 3.22 2.36 22.37
N ILE B 65 3.15 2.00 21.09
CA ILE B 65 3.68 0.73 20.60
C ILE B 65 4.77 1.03 19.57
N LEU B 66 5.95 0.46 19.78
CA LEU B 66 7.10 0.68 18.91
C LEU B 66 7.42 -0.60 18.17
N LEU B 67 7.53 -0.52 16.85
CA LEU B 67 7.81 -1.67 16.00
C LEU B 67 9.09 -1.38 15.23
N THR B 68 10.08 -2.26 15.40
CA THR B 68 11.37 -2.15 14.74
C THR B 68 11.73 -3.51 14.16
N GLY B 69 12.87 -3.57 13.49
CA GLY B 69 13.39 -4.82 13.00
C GLY B 69 12.68 -5.30 11.75
N ASP B 70 12.95 -6.56 11.41
CA ASP B 70 12.37 -7.17 10.21
C ASP B 70 11.00 -7.76 10.57
N LEU B 71 9.96 -6.95 10.43
CA LEU B 71 8.61 -7.46 10.64
C LEU B 71 8.24 -8.50 9.58
N LEU B 72 8.83 -8.39 8.40
CA LEU B 72 8.66 -9.37 7.33
C LEU B 72 9.98 -10.10 7.12
N HIS B 73 9.91 -11.43 7.01
CA HIS B 73 11.13 -12.21 6.79
C HIS B 73 11.71 -11.93 5.41
N SER B 74 10.87 -11.91 4.39
CA SER B 74 11.35 -11.67 3.03
C SER B 74 11.61 -10.18 2.87
N ARG B 75 12.82 -9.82 2.46
CA ARG B 75 13.16 -8.41 2.32
C ARG B 75 12.39 -7.78 1.17
N ASN B 76 12.26 -8.50 0.05
CA ASN B 76 11.75 -7.91 -1.17
C ASN B 76 10.67 -8.72 -1.88
N ASN B 77 10.37 -9.95 -1.44
CA ASN B 77 9.30 -10.74 -2.04
C ASN B 77 8.47 -11.42 -0.94
N PRO B 78 7.80 -10.64 -0.10
CA PRO B 78 6.92 -11.25 0.91
C PRO B 78 5.69 -11.85 0.24
N SER B 79 5.22 -12.96 0.80
CA SER B 79 4.05 -13.61 0.24
C SER B 79 2.79 -12.82 0.60
N VAL B 80 1.69 -13.15 -0.10
CA VAL B 80 0.40 -12.54 0.20
C VAL B 80 -0.02 -12.85 1.63
N VAL B 81 0.22 -14.09 2.08
CA VAL B 81 -0.14 -14.48 3.43
C VAL B 81 0.65 -13.68 4.45
N ALA B 82 1.95 -13.49 4.21
CA ALA B 82 2.77 -12.71 5.13
C ALA B 82 2.30 -11.26 5.18
N LEU B 83 2.09 -10.65 4.01
CA LEU B 83 1.59 -9.28 3.98
C LEU B 83 0.25 -9.16 4.69
N HIS B 84 -0.62 -10.16 4.49
CA HIS B 84 -1.91 -10.14 5.18
C HIS B 84 -1.73 -10.17 6.69
N ASP B 85 -0.85 -11.04 7.19
CA ASP B 85 -0.59 -11.12 8.62
C ASP B 85 0.00 -9.83 9.16
N LEU B 86 0.92 -9.22 8.41
CA LEU B 86 1.52 -7.96 8.84
C LEU B 86 0.47 -6.88 9.02
N LEU B 87 -0.32 -6.63 7.99
CA LEU B 87 -1.38 -5.62 8.07
C LEU B 87 -2.41 -5.99 9.14
N ASP B 88 -2.67 -7.28 9.30
CA ASP B 88 -3.59 -7.72 10.35
C ASP B 88 -3.07 -7.33 11.73
N TYR B 89 -1.83 -7.71 12.05
CA TYR B 89 -1.32 -7.41 13.38
C TYR B 89 -0.99 -5.93 13.54
N LEU B 90 -0.68 -5.23 12.45
CA LEU B 90 -0.59 -3.77 12.55
C LEU B 90 -1.91 -3.18 13.03
N LYS B 91 -3.03 -3.65 12.47
CA LYS B 91 -4.33 -3.16 12.90
C LYS B 91 -4.63 -3.55 14.34
N ARG B 92 -4.25 -4.77 14.73
CA ARG B 92 -4.48 -5.19 16.11
C ARG B 92 -3.68 -4.35 17.09
N MET B 93 -2.49 -3.89 16.70
CA MET B 93 -1.72 -3.01 17.56
C MET B 93 -2.34 -1.62 17.61
N MET B 94 -2.72 -1.09 16.45
CA MET B 94 -3.37 0.22 16.40
C MET B 94 -4.62 0.29 17.26
N ARG B 95 -5.38 -0.81 17.37
CA ARG B 95 -6.56 -0.82 18.22
C ARG B 95 -6.21 -0.74 19.70
N THR B 96 -4.99 -1.12 20.09
CA THR B 96 -4.59 -1.09 21.49
C THR B 96 -4.01 0.26 21.87
N ALA B 97 -3.10 0.80 21.07
CA ALA B 97 -2.44 2.08 21.33
C ALA B 97 -1.85 2.58 20.02
N PRO B 98 -1.55 3.89 19.93
CA PRO B 98 -0.89 4.39 18.72
C PRO B 98 0.43 3.66 18.45
N VAL B 99 0.72 3.45 17.18
CA VAL B 99 1.87 2.66 16.73
C VAL B 99 2.87 3.56 16.03
N VAL B 100 4.15 3.33 16.30
CA VAL B 100 5.24 3.95 15.55
C VAL B 100 6.10 2.82 14.99
N VAL B 101 6.31 2.85 13.67
CA VAL B 101 6.99 1.77 12.98
C VAL B 101 8.24 2.32 12.32
N LEU B 102 9.37 1.67 12.59
CA LEU B 102 10.60 1.96 11.86
C LEU B 102 10.84 0.82 10.88
N PRO B 103 10.40 0.96 9.63
CA PRO B 103 10.57 -0.13 8.66
C PRO B 103 12.03 -0.35 8.32
N GLY B 104 12.39 -1.61 8.10
CA GLY B 104 13.77 -1.98 7.82
C GLY B 104 14.18 -1.70 6.38
N ASN B 105 15.16 -2.47 5.92
CA ASN B 105 15.70 -2.32 4.58
C ASN B 105 14.78 -3.02 3.57
N HIS B 106 14.20 -2.24 2.66
CA HIS B 106 13.35 -2.77 1.61
C HIS B 106 13.72 -2.13 0.27
N ASP B 107 13.39 -2.84 -0.80
CA ASP B 107 13.72 -2.35 -2.14
C ASP B 107 12.57 -1.57 -2.76
N TRP B 108 11.34 -2.08 -2.62
CA TRP B 108 10.15 -1.43 -3.17
C TRP B 108 10.18 0.07 -2.90
N LYS B 109 10.00 0.85 -3.96
CA LYS B 109 10.08 2.30 -3.83
C LYS B 109 8.72 2.93 -3.53
N GLY B 110 7.63 2.23 -3.84
CA GLY B 110 6.34 2.70 -3.38
C GLY B 110 6.20 2.68 -1.87
N LEU B 111 7.03 1.90 -1.19
CA LEU B 111 6.89 1.74 0.26
C LEU B 111 6.99 3.08 0.98
N LYS B 112 7.83 3.97 0.48
CA LYS B 112 7.97 5.28 1.12
C LYS B 112 6.73 6.13 0.89
N LEU B 113 6.18 6.12 -0.33
CA LEU B 113 4.96 6.85 -0.60
C LEU B 113 3.79 6.29 0.19
N PHE B 114 3.62 4.98 0.17
CA PHE B 114 2.51 4.38 0.91
C PHE B 114 2.65 4.62 2.40
N GLY B 115 3.88 4.52 2.92
CA GLY B 115 4.10 4.78 4.34
C GLY B 115 3.71 6.19 4.73
N ASN B 116 4.06 7.18 3.91
CA ASN B 116 3.67 8.55 4.19
C ASN B 116 2.16 8.74 4.04
N PHE B 117 1.56 8.05 3.07
CA PHE B 117 0.11 8.15 2.87
C PHE B 117 -0.66 7.62 4.08
N VAL B 118 -0.33 6.40 4.51
CA VAL B 118 -0.97 5.81 5.69
C VAL B 118 -0.78 6.71 6.90
N THR B 119 0.44 7.24 7.09
CA THR B 119 0.70 8.13 8.21
C THR B 119 -0.17 9.38 8.13
N SER B 120 -0.38 9.90 6.92
CA SER B 120 -1.17 11.13 6.78
C SER B 120 -2.66 10.90 7.06
N ILE B 121 -3.17 9.69 6.81
CA ILE B 121 -4.62 9.48 6.87
C ILE B 121 -5.07 8.81 8.16
N SER B 122 -4.16 8.40 9.04
CA SER B 122 -4.53 7.78 10.30
C SER B 122 -3.74 8.44 11.43
N SER B 123 -4.43 8.68 12.55
CA SER B 123 -3.82 9.26 13.73
C SER B 123 -3.46 8.21 14.76
N ASP B 124 -3.37 6.95 14.37
CA ASP B 124 -3.02 5.87 15.26
C ASP B 124 -1.82 5.06 14.79
N ILE B 125 -1.19 5.45 13.68
CA ILE B 125 0.04 4.80 13.23
C ILE B 125 0.91 5.83 12.54
N THR B 126 2.23 5.70 12.73
CA THR B 126 3.22 6.56 12.11
C THR B 126 4.33 5.69 11.56
N PHE B 127 4.64 5.87 10.28
CA PHE B 127 5.77 5.19 9.66
C PHE B 127 6.89 6.22 9.46
N VAL B 128 8.01 6.02 10.14
CA VAL B 128 9.15 6.91 9.99
C VAL B 128 10.06 6.32 8.91
N MET B 129 10.06 6.96 7.74
CA MET B 129 10.73 6.44 6.57
C MET B 129 12.02 7.18 6.22
N SER B 130 12.44 8.12 7.06
CA SER B 130 13.61 8.93 6.76
C SER B 130 14.34 9.24 8.07
N PHE B 131 15.38 10.08 7.97
CA PHE B 131 16.10 10.55 9.15
C PHE B 131 15.42 11.73 9.82
N GLU B 132 14.37 12.28 9.22
CA GLU B 132 13.74 13.48 9.77
C GLU B 132 12.96 13.11 11.03
N PRO B 133 13.08 13.90 12.10
CA PRO B 133 12.32 13.60 13.32
C PRO B 133 10.82 13.79 13.10
N VAL B 134 10.05 13.06 13.90
CA VAL B 134 8.59 13.15 13.86
C VAL B 134 8.08 13.25 15.30
N ASP B 135 7.12 14.14 15.52
CA ASP B 135 6.44 14.28 16.79
C ASP B 135 5.11 13.55 16.74
N VAL B 136 4.89 12.64 17.69
CA VAL B 136 3.66 11.86 17.75
C VAL B 136 3.04 12.06 19.12
N GLU B 137 1.77 11.69 19.23
CA GLU B 137 1.02 11.82 20.47
C GLU B 137 0.62 10.42 20.95
N ALA B 138 0.91 10.13 22.21
CA ALA B 138 0.59 8.82 22.76
C ALA B 138 -0.87 8.78 23.22
N LYS B 139 -1.28 7.65 23.79
CA LYS B 139 -2.69 7.42 24.09
C LYS B 139 -3.23 8.44 25.08
N ARG B 140 -2.44 8.82 26.08
CA ARG B 140 -2.88 9.74 27.11
C ARG B 140 -2.38 11.17 26.87
N GLY B 141 -2.13 11.52 25.60
CA GLY B 141 -1.75 12.87 25.24
C GLY B 141 -0.27 13.19 25.34
N GLN B 142 0.56 12.23 25.73
CA GLN B 142 1.99 12.50 25.87
C GLN B 142 2.59 12.84 24.51
N LYS B 143 3.33 13.95 24.47
CA LYS B 143 4.02 14.35 23.25
C LYS B 143 5.36 13.60 23.19
N VAL B 144 5.55 12.81 22.14
CA VAL B 144 6.73 11.96 22.00
C VAL B 144 7.44 12.35 20.72
N ARG B 145 8.69 12.76 20.86
CA ARG B 145 9.53 13.04 19.70
C ARG B 145 10.29 11.78 19.31
N ILE B 146 10.18 11.39 18.05
CA ILE B 146 10.82 10.19 17.54
C ILE B 146 12.06 10.60 16.77
N LEU B 147 13.20 10.03 17.14
CA LEU B 147 14.46 10.28 16.45
C LEU B 147 14.81 9.05 15.64
N PRO B 148 14.47 8.99 14.35
CA PRO B 148 14.65 7.76 13.58
C PRO B 148 16.03 7.69 12.94
N PHE B 149 16.61 6.50 13.00
CA PHE B 149 17.89 6.22 12.37
C PHE B 149 17.71 4.96 11.53
N PRO B 150 17.09 5.07 10.36
CA PRO B 150 16.89 3.90 9.51
C PRO B 150 18.19 3.52 8.82
N TYR B 151 18.15 2.36 8.19
CA TYR B 151 19.27 1.96 7.33
C TYR B 151 19.43 3.01 6.23
N PRO B 152 20.62 3.60 6.07
CA PRO B 152 20.80 4.61 5.02
C PRO B 152 20.47 4.05 3.66
N ASP B 153 19.27 4.37 3.17
CA ASP B 153 18.79 3.90 1.90
C ASP B 153 19.60 4.52 0.76
N GLU B 154 19.18 4.21 -0.48
CA GLU B 154 19.91 4.61 -1.67
C GLU B 154 21.34 4.08 -1.64
N SER B 155 22.11 4.49 -0.66
CA SER B 155 23.49 4.03 -0.50
C SER B 155 23.56 2.76 0.33
N GLU B 156 22.78 1.73 -0.06
CA GLU B 156 23.01 0.40 0.49
C GLU B 156 24.40 -0.11 0.12
N ALA B 157 24.89 0.28 -1.06
CA ALA B 157 26.31 0.27 -1.37
C ALA B 157 26.86 1.64 -0.95
N LEU B 158 27.80 1.63 -0.01
CA LEU B 158 28.22 2.87 0.64
C LEU B 158 28.68 3.93 -0.36
N ARG B 159 29.24 3.50 -1.50
CA ARG B 159 29.80 4.40 -2.50
C ARG B 159 30.88 5.31 -1.91
N LYS B 160 31.48 4.90 -0.80
CA LYS B 160 32.52 5.68 -0.13
C LYS B 160 33.31 4.75 0.77
N ASN B 161 34.52 5.19 1.13
CA ASN B 161 35.34 4.45 2.06
C ASN B 161 34.73 4.47 3.46
N GLU B 162 35.31 3.67 4.35
CA GLU B 162 34.83 3.58 5.72
C GLU B 162 35.04 4.87 6.50
N GLY B 163 35.68 5.88 5.92
CA GLY B 163 35.99 7.10 6.64
C GLY B 163 35.03 8.25 6.38
N ASP B 164 34.66 8.45 5.11
CA ASP B 164 33.64 9.45 4.81
C ASP B 164 32.26 8.96 5.20
N PHE B 165 32.00 7.66 5.02
CA PHE B 165 30.72 7.08 5.44
C PHE B 165 30.53 7.21 6.94
N ARG B 166 31.55 6.82 7.73
CA ARG B 166 31.44 6.92 9.18
C ARG B 166 31.16 8.35 9.62
N PHE B 167 31.77 9.33 8.95
CA PHE B 167 31.51 10.72 9.30
C PHE B 167 30.10 11.13 8.91
N PHE B 168 29.58 10.59 7.81
CA PHE B 168 28.19 10.85 7.42
C PHE B 168 27.22 10.37 8.51
N LEU B 169 27.39 9.12 8.96
CA LEU B 169 26.52 8.58 9.99
C LEU B 169 26.61 9.40 11.27
N GLU B 170 27.83 9.77 11.68
CA GLU B 170 28.00 10.56 12.89
C GLU B 170 27.32 11.92 12.76
N SER B 171 27.34 12.51 11.56
CA SER B 171 26.68 13.80 11.37
C SER B 171 25.19 13.69 11.62
N ARG B 172 24.57 12.59 11.20
CA ARG B 172 23.15 12.41 11.42
C ARG B 172 22.83 12.09 12.88
N LEU B 173 23.67 11.30 13.53
CA LEU B 173 23.47 11.07 14.96
C LEU B 173 23.63 12.37 15.74
N ASN B 174 24.55 13.25 15.31
CA ASN B 174 24.68 14.56 15.92
C ASN B 174 23.42 15.38 15.66
N LYS B 175 22.93 15.34 14.42
CA LYS B 175 21.69 16.03 14.09
C LYS B 175 20.54 15.53 14.95
N LEU B 176 20.41 14.22 15.09
CA LEU B 176 19.36 13.67 15.95
C LEU B 176 19.53 14.12 17.39
N TYR B 177 20.77 14.15 17.88
CA TYR B 177 21.03 14.67 19.22
C TYR B 177 20.52 16.09 19.36
N GLU B 178 20.85 16.95 18.39
CA GLU B 178 20.41 18.35 18.45
C GLU B 178 18.90 18.45 18.35
N GLU B 179 18.27 17.61 17.53
CA GLU B 179 16.81 17.62 17.43
C GLU B 179 16.16 17.04 18.68
N ALA B 180 16.82 16.07 19.32
CA ALA B 180 16.28 15.51 20.56
C ALA B 180 16.29 16.52 21.69
N LEU B 181 17.23 17.48 21.66
CA LEU B 181 17.24 18.52 22.68
C LEU B 181 16.00 19.41 22.60
N LYS B 182 15.48 19.61 21.40
CA LYS B 182 14.28 20.41 21.17
C LYS B 182 12.98 19.61 21.39
N LYS B 183 12.90 18.82 22.45
CA LYS B 183 11.79 17.93 22.71
C LYS B 183 10.78 18.56 23.66
N GLU B 184 9.54 18.10 23.59
CA GLU B 184 8.49 18.55 24.48
C GLU B 184 8.44 17.72 25.76
N ASP B 185 7.86 16.52 25.69
CA ASP B 185 7.76 15.67 26.87
C ASP B 185 8.83 14.58 26.84
N PHE B 186 8.61 13.55 26.03
CA PHE B 186 9.54 12.44 25.91
C PHE B 186 10.22 12.46 24.55
N ALA B 187 11.35 11.75 24.47
CA ALA B 187 12.10 11.62 23.23
C ALA B 187 12.55 10.17 23.11
N ILE B 188 12.26 9.55 21.98
CA ILE B 188 12.55 8.14 21.76
C ILE B 188 13.40 8.01 20.50
N PHE B 189 14.49 7.26 20.61
CA PHE B 189 15.35 6.94 19.49
C PHE B 189 14.94 5.59 18.92
N MET B 190 14.89 5.50 17.59
CA MET B 190 14.61 4.26 16.90
C MET B 190 15.67 4.07 15.82
N GLY B 191 16.36 2.95 15.87
CA GLY B 191 17.46 2.71 14.95
C GLY B 191 17.45 1.28 14.45
N HIS B 192 17.96 1.11 13.23
CA HIS B 192 18.02 -0.18 12.56
C HIS B 192 19.48 -0.38 12.16
N PHE B 193 20.28 -0.92 13.07
CA PHE B 193 21.71 -1.13 12.84
C PHE B 193 22.23 -2.12 13.88
N THR B 194 23.51 -2.44 13.76
CA THR B 194 24.18 -3.38 14.67
C THR B 194 25.12 -2.60 15.58
N VAL B 195 24.89 -2.68 16.90
CA VAL B 195 25.77 -2.02 17.85
C VAL B 195 27.15 -2.66 17.80
N GLU B 196 28.19 -1.84 17.85
CA GLU B 196 29.55 -2.32 17.72
C GLU B 196 29.92 -3.24 18.88
N GLY B 197 30.57 -4.36 18.55
CA GLY B 197 31.04 -5.31 19.54
C GLY B 197 29.94 -5.93 20.38
N LEU B 198 28.96 -6.54 19.72
CA LEU B 198 27.88 -7.19 20.44
C LEU B 198 28.38 -8.49 21.06
N ALA B 199 28.09 -8.69 22.34
CA ALA B 199 28.66 -9.81 23.10
C ALA B 199 27.82 -11.06 22.87
N GLY B 200 28.48 -12.14 22.44
CA GLY B 200 27.77 -13.35 22.09
C GLY B 200 26.99 -13.24 20.81
N TYR B 201 27.42 -12.39 19.89
CA TYR B 201 26.74 -12.17 18.62
C TYR B 201 27.45 -12.97 17.53
N ALA B 202 26.76 -13.99 17.00
CA ALA B 202 27.35 -14.88 16.01
C ALA B 202 27.94 -14.13 14.83
N GLY B 203 27.14 -13.31 14.18
CA GLY B 203 27.61 -12.57 13.02
C GLY B 203 26.46 -12.21 12.10
N ILE B 204 26.82 -11.61 10.96
CA ILE B 204 25.84 -11.16 9.99
C ILE B 204 25.14 -12.37 9.38
N GLU B 205 23.80 -12.37 9.46
CA GLU B 205 23.00 -13.46 8.89
C GLU B 205 22.67 -13.13 7.44
N GLN B 206 23.66 -13.36 6.56
CA GLN B 206 23.54 -13.13 5.12
C GLN B 206 23.05 -11.72 4.81
N GLY B 207 23.87 -10.75 5.18
CA GLY B 207 23.54 -9.36 4.91
C GLY B 207 24.72 -8.46 5.21
N ARG B 208 24.65 -7.25 4.65
CA ARG B 208 25.65 -6.22 4.91
C ARG B 208 25.22 -5.43 6.14
N GLU B 209 26.10 -5.34 7.12
CA GLU B 209 25.77 -4.74 8.42
C GLU B 209 26.37 -3.36 8.53
N ILE B 210 25.62 -2.44 9.14
CA ILE B 210 26.12 -1.13 9.52
C ILE B 210 26.37 -1.14 11.01
N ILE B 211 27.60 -0.80 11.40
CA ILE B 211 28.07 -0.91 12.77
C ILE B 211 28.15 0.49 13.37
N ILE B 212 27.52 0.67 14.53
CA ILE B 212 27.47 1.96 15.22
C ILE B 212 27.85 1.74 16.67
N ASN B 213 28.80 2.54 17.16
CA ASN B 213 29.20 2.46 18.56
C ASN B 213 28.07 2.98 19.44
N ARG B 214 27.77 2.24 20.51
CA ARG B 214 26.63 2.56 21.35
C ARG B 214 26.74 3.92 22.02
N ALA B 215 27.96 4.45 22.18
CA ALA B 215 28.14 5.77 22.77
C ALA B 215 27.67 6.88 21.85
N LEU B 216 27.52 6.62 20.56
CA LEU B 216 27.02 7.61 19.60
C LEU B 216 25.50 7.69 19.58
N ILE B 217 24.80 6.83 20.31
CA ILE B 217 23.35 6.97 20.45
C ILE B 217 23.10 8.17 21.34
N PRO B 218 22.33 9.17 20.87
CA PRO B 218 22.14 10.40 21.65
C PRO B 218 21.68 10.14 23.09
N SER B 219 22.52 10.53 24.05
CA SER B 219 22.26 10.25 25.45
C SER B 219 21.04 11.01 25.99
N VAL B 220 20.55 12.01 25.27
CA VAL B 220 19.50 12.87 25.79
C VAL B 220 18.12 12.36 25.40
N VAL B 221 18.03 11.07 25.02
CA VAL B 221 16.75 10.45 24.73
C VAL B 221 16.33 9.62 25.93
N ASP B 222 15.02 9.46 26.11
CA ASP B 222 14.49 8.68 27.22
C ASP B 222 14.57 7.18 26.99
N TYR B 223 14.64 6.75 25.73
CA TYR B 223 14.68 5.33 25.40
C TYR B 223 15.19 5.17 23.97
N ALA B 224 15.99 4.14 23.75
CA ALA B 224 16.52 3.82 22.42
C ALA B 224 15.99 2.45 22.01
N ALA B 225 15.05 2.44 21.07
CA ALA B 225 14.38 1.24 20.59
C ALA B 225 15.09 0.76 19.34
N LEU B 226 15.83 -0.34 19.46
CA LEU B 226 16.60 -0.88 18.35
C LEU B 226 15.95 -2.17 17.85
N GLY B 227 16.33 -2.56 16.64
CA GLY B 227 15.87 -3.80 16.03
C GLY B 227 16.92 -4.31 15.08
N HIS B 228 16.63 -5.47 14.47
CA HIS B 228 17.40 -6.16 13.42
C HIS B 228 18.14 -7.37 14.00
N ILE B 229 18.13 -7.51 15.32
CA ILE B 229 18.79 -8.62 16.00
C ILE B 229 17.74 -9.62 16.49
N HIS B 230 18.05 -10.92 16.37
CA HIS B 230 17.09 -11.95 16.75
C HIS B 230 17.01 -12.16 18.26
N SER B 231 18.09 -11.87 18.99
CA SER B 231 18.20 -12.16 20.42
C SER B 231 18.09 -10.88 21.23
N PHE B 232 17.39 -10.95 22.36
CA PHE B 232 17.26 -9.82 23.27
C PHE B 232 18.63 -9.36 23.77
N ARG B 233 18.81 -8.03 23.80
CA ARG B 233 20.02 -7.41 24.33
C ARG B 233 19.64 -6.13 25.05
N GLU B 234 20.09 -6.01 26.31
CA GLU B 234 20.10 -4.71 27.00
C GLU B 234 21.46 -4.09 26.71
N ILE B 235 21.50 -3.19 25.73
CA ILE B 235 22.79 -2.63 25.29
C ILE B 235 23.39 -1.74 26.37
N GLN B 236 22.59 -0.84 26.92
CA GLN B 236 23.06 0.08 27.96
C GLN B 236 21.85 0.62 28.70
N LYS B 237 22.10 1.29 29.82
CA LYS B 237 21.03 1.78 30.69
C LYS B 237 20.84 3.28 30.64
N GLN B 238 21.82 4.05 30.18
CA GLN B 238 21.69 5.50 30.03
C GLN B 238 22.37 5.92 28.73
N PRO B 239 21.59 6.10 27.66
CA PRO B 239 20.14 5.90 27.63
C PRO B 239 19.77 4.43 27.51
N LEU B 240 18.64 4.03 28.11
CA LEU B 240 18.21 2.63 28.04
C LEU B 240 18.06 2.19 26.59
N THR B 241 18.87 1.21 26.19
CA THR B 241 18.97 0.78 24.80
C THR B 241 18.74 -0.72 24.74
N ILE B 242 17.68 -1.15 24.06
CA ILE B 242 17.23 -2.53 24.07
C ILE B 242 16.93 -3.01 22.65
N TYR B 243 17.47 -4.19 22.31
CA TYR B 243 16.89 -5.01 21.25
C TYR B 243 15.90 -5.97 21.88
N PRO B 244 14.63 -5.98 21.47
CA PRO B 244 13.69 -6.94 22.05
C PRO B 244 13.90 -8.36 21.57
N GLY B 245 14.48 -8.55 20.39
CA GLY B 245 14.62 -9.87 19.83
C GLY B 245 13.38 -10.31 19.06
N SER B 246 13.49 -11.48 18.46
CA SER B 246 12.38 -12.05 17.72
C SER B 246 11.37 -12.67 18.68
N LEU B 247 10.21 -13.04 18.12
CA LEU B 247 9.16 -13.66 18.91
C LEU B 247 9.20 -15.18 18.86
N ILE B 248 9.94 -15.77 17.92
CA ILE B 248 10.13 -17.20 17.86
C ILE B 248 11.63 -17.47 17.72
N ARG B 249 12.02 -18.70 18.02
CA ARG B 249 13.40 -19.13 17.83
C ARG B 249 13.55 -19.53 16.37
N ILE B 250 14.13 -18.63 15.57
CA ILE B 250 14.19 -18.82 14.13
C ILE B 250 15.12 -19.96 13.77
N ASP B 251 16.24 -20.09 14.47
CA ASP B 251 17.16 -21.19 14.21
C ASP B 251 17.84 -21.58 15.52
N PHE B 252 18.63 -22.64 15.45
CA PHE B 252 19.16 -23.27 16.67
C PHE B 252 20.22 -22.43 17.36
N GLY B 253 20.78 -21.41 16.71
CA GLY B 253 21.60 -20.45 17.42
C GLY B 253 20.84 -19.71 18.51
N GLU B 254 19.50 -19.73 18.45
CA GLU B 254 18.65 -19.08 19.44
C GLU B 254 18.04 -20.10 20.39
N GLU B 255 18.64 -21.30 20.48
CA GLU B 255 18.08 -22.37 21.29
C GLU B 255 17.95 -21.96 22.75
N ALA B 256 18.94 -21.25 23.27
CA ALA B 256 18.95 -20.85 24.68
C ALA B 256 18.29 -19.50 24.89
N ASP B 257 17.73 -18.89 23.85
CA ASP B 257 17.14 -17.57 23.97
C ASP B 257 15.77 -17.63 24.63
N GLU B 258 15.43 -16.57 25.35
CA GLU B 258 14.07 -16.31 25.80
C GLU B 258 13.47 -15.29 24.85
N LYS B 259 12.29 -15.61 24.31
CA LYS B 259 11.70 -14.84 23.23
C LYS B 259 10.48 -14.05 23.70
N GLY B 260 10.39 -12.81 23.26
CA GLY B 260 9.22 -12.00 23.57
C GLY B 260 9.47 -10.54 23.20
N ALA B 261 8.72 -9.67 23.86
CA ALA B 261 8.80 -8.23 23.68
C ALA B 261 9.30 -7.57 24.96
N VAL B 262 9.22 -6.24 24.99
CA VAL B 262 9.71 -5.46 26.11
C VAL B 262 8.65 -4.44 26.48
N PHE B 263 8.33 -4.36 27.78
CA PHE B 263 7.45 -3.35 28.32
C PHE B 263 8.31 -2.32 29.05
N VAL B 264 8.29 -1.08 28.57
CA VAL B 264 9.11 0.00 29.12
C VAL B 264 8.19 1.02 29.75
N GLU B 265 8.52 1.42 30.98
CA GLU B 265 7.77 2.44 31.71
C GLU B 265 8.69 3.64 31.93
N LEU B 266 8.27 4.81 31.47
CA LEU B 266 9.01 6.04 31.62
C LEU B 266 8.29 6.99 32.56
N LYS B 267 9.06 7.68 33.40
CA LYS B 267 8.54 8.68 34.31
C LYS B 267 9.47 9.89 34.23
N ARG B 268 8.89 11.05 33.93
CA ARG B 268 9.68 12.27 33.81
C ARG B 268 10.33 12.62 35.14
N GLY B 269 11.66 12.67 35.15
CA GLY B 269 12.42 12.93 36.37
C GLY B 269 12.98 11.69 37.06
N GLU B 270 12.47 10.51 36.73
CA GLU B 270 12.88 9.26 37.34
C GLU B 270 13.59 8.36 36.34
N PRO B 271 14.39 7.40 36.81
CA PRO B 271 15.06 6.47 35.89
C PRO B 271 14.06 5.47 35.32
N PRO B 272 14.24 5.09 34.05
CA PRO B 272 13.32 4.13 33.43
C PRO B 272 13.52 2.72 33.94
N ARG B 273 12.44 1.94 33.89
CA ARG B 273 12.49 0.52 34.21
C ARG B 273 11.73 -0.24 33.14
N TYR B 274 12.12 -1.50 32.92
CA TYR B 274 11.46 -2.30 31.90
C TYR B 274 11.30 -3.74 32.36
N GLU B 275 10.30 -4.41 31.80
CA GLU B 275 10.04 -5.82 32.02
C GLU B 275 10.02 -6.54 30.68
N ARG B 276 10.54 -7.77 30.66
CA ARG B 276 10.48 -8.62 29.48
C ARG B 276 9.16 -9.37 29.45
N ILE B 277 8.47 -9.30 28.32
CA ILE B 277 7.19 -9.97 28.11
C ILE B 277 7.46 -11.27 27.36
N ASP B 278 7.27 -12.40 28.04
CA ASP B 278 7.62 -13.69 27.47
C ASP B 278 6.52 -14.12 26.51
N ALA B 279 6.90 -14.41 25.26
CA ALA B 279 5.98 -14.90 24.25
C ALA B 279 5.85 -16.42 24.23
N SER B 280 6.72 -17.13 24.95
CA SER B 280 6.73 -18.59 25.09
C SER B 280 6.49 -19.31 23.76
N PRO B 281 7.41 -19.22 22.80
CA PRO B 281 7.27 -19.98 21.56
C PRO B 281 7.76 -21.40 21.77
N LEU B 282 7.76 -22.18 20.70
CA LEU B 282 8.16 -23.57 20.80
C LEU B 282 9.65 -23.67 21.17
N PRO B 283 10.02 -24.69 21.94
CA PRO B 283 11.44 -24.85 22.28
C PRO B 283 12.19 -25.54 21.16
N LEU B 284 13.51 -25.35 21.19
CA LEU B 284 14.43 -26.03 20.29
C LEU B 284 15.39 -26.85 21.14
N LYS B 285 15.90 -27.94 20.55
CA LYS B 285 16.88 -28.76 21.25
C LYS B 285 17.86 -29.31 20.24
N THR B 286 19.14 -29.20 20.56
CA THR B 286 20.20 -29.83 19.78
C THR B 286 20.75 -31.01 20.56
N LEU B 287 20.84 -32.16 19.90
CA LEU B 287 21.36 -33.37 20.52
C LEU B 287 22.74 -33.66 19.94
N TYR B 288 23.72 -33.84 20.83
CA TYR B 288 25.11 -34.02 20.43
C TYR B 288 25.52 -35.47 20.68
N TYR B 289 26.13 -36.09 19.68
CA TYR B 289 26.63 -37.45 19.78
C TYR B 289 27.98 -37.54 19.08
N LYS B 290 28.80 -38.48 19.52
CA LYS B 290 30.09 -38.70 18.88
C LYS B 290 29.92 -39.43 17.56
N LYS B 291 29.28 -40.60 17.59
CA LYS B 291 28.89 -41.32 16.39
C LYS B 291 27.43 -41.74 16.53
N ILE B 292 26.81 -42.03 15.39
CA ILE B 292 25.43 -42.49 15.34
C ILE B 292 25.45 -44.01 15.31
N ASP B 293 25.41 -44.63 16.49
CA ASP B 293 25.29 -46.08 16.60
C ASP B 293 23.85 -46.43 16.93
N THR B 294 23.57 -47.73 17.06
CA THR B 294 22.20 -48.18 17.29
C THR B 294 21.64 -47.62 18.59
N SER B 295 22.49 -47.45 19.61
CA SER B 295 22.03 -46.82 20.84
C SER B 295 21.63 -45.37 20.60
N ALA B 296 22.36 -44.68 19.72
CA ALA B 296 22.03 -43.28 19.45
C ALA B 296 20.67 -43.14 18.76
N LEU B 297 20.38 -44.00 17.78
CA LEU B 297 19.07 -43.94 17.11
C LEU B 297 17.93 -44.13 18.11
N LYS B 298 18.10 -45.05 19.06
CA LYS B 298 17.06 -45.27 20.05
C LYS B 298 16.84 -44.02 20.89
N SER B 299 17.94 -43.41 21.36
CA SER B 299 17.84 -42.20 22.16
C SER B 299 17.27 -41.04 21.37
N ILE B 300 17.64 -40.92 20.09
CA ILE B 300 17.14 -39.84 19.26
C ILE B 300 15.64 -40.00 19.04
N ARG B 301 15.22 -41.19 18.61
CA ARG B 301 13.81 -41.44 18.35
C ARG B 301 12.99 -41.27 19.62
N ASP B 302 13.54 -41.69 20.77
CA ASP B 302 12.81 -41.57 22.02
C ASP B 302 12.69 -40.11 22.44
N PHE B 303 13.75 -39.31 22.25
CA PHE B 303 13.69 -37.92 22.67
C PHE B 303 12.72 -37.13 21.80
N CYS B 304 12.82 -37.27 20.47
CA CYS B 304 11.95 -36.49 19.59
C CYS B 304 10.50 -36.86 19.78
N ARG B 305 10.23 -38.11 20.19
CA ARG B 305 8.87 -38.58 20.37
C ARG B 305 8.15 -37.78 21.45
N ASN B 306 8.88 -37.39 22.50
CA ASN B 306 8.28 -36.71 23.64
C ASN B 306 8.74 -35.26 23.78
N PHE B 307 9.32 -34.69 22.72
CA PHE B 307 9.73 -33.29 22.75
C PHE B 307 8.75 -32.45 21.95
N PRO B 308 8.09 -31.46 22.57
CA PRO B 308 7.05 -30.71 21.85
C PRO B 308 7.60 -29.59 20.96
N GLY B 309 8.90 -29.64 20.65
CA GLY B 309 9.52 -28.62 19.82
C GLY B 309 10.29 -29.24 18.67
N TYR B 310 11.29 -28.52 18.14
CA TYR B 310 12.05 -28.99 17.00
C TYR B 310 13.46 -29.39 17.43
N VAL B 311 13.98 -30.46 16.84
CA VAL B 311 15.21 -31.10 17.29
C VAL B 311 16.26 -31.07 16.18
N ARG B 312 17.49 -30.74 16.55
CA ARG B 312 18.65 -30.85 15.68
C ARG B 312 19.60 -31.89 16.26
N VAL B 313 20.19 -32.72 15.39
CA VAL B 313 21.19 -33.69 15.79
C VAL B 313 22.49 -33.38 15.05
N VAL B 314 23.56 -33.17 15.80
CA VAL B 314 24.90 -32.96 15.23
C VAL B 314 25.80 -34.04 15.78
N TYR B 315 26.53 -34.71 14.90
CA TYR B 315 27.46 -35.74 15.30
C TYR B 315 28.79 -35.53 14.60
N GLU B 316 29.83 -36.12 15.19
CA GLU B 316 31.21 -35.86 14.79
C GLU B 316 31.76 -36.89 13.80
N GLU B 317 31.63 -38.18 14.10
CA GLU B 317 32.28 -39.22 13.32
C GLU B 317 31.30 -39.78 12.30
N ASP B 318 31.79 -40.01 11.09
CA ASP B 318 30.98 -40.66 10.08
C ASP B 318 30.58 -42.05 10.57
N SER B 319 29.28 -42.31 10.56
CA SER B 319 28.75 -43.55 11.11
C SER B 319 28.11 -44.41 10.02
N GLY B 320 28.67 -44.38 8.82
CA GLY B 320 28.07 -45.17 7.78
C GLY B 320 26.75 -44.54 7.38
N ILE B 321 25.90 -45.36 6.79
CA ILE B 321 24.55 -44.91 6.42
C ILE B 321 23.65 -45.04 7.63
N LEU B 322 22.93 -43.96 7.96
CA LEU B 322 21.96 -43.88 9.03
C LEU B 322 20.55 -44.01 8.45
N PRO B 323 19.62 -44.64 9.18
CA PRO B 323 18.25 -44.75 8.66
C PRO B 323 17.67 -43.37 8.38
N ASP B 324 16.61 -43.35 7.58
CA ASP B 324 15.98 -42.12 7.15
C ASP B 324 15.35 -41.40 8.34
N LEU B 325 16.21 -40.84 9.20
CA LEU B 325 15.74 -40.18 10.42
C LEU B 325 14.80 -39.01 10.10
N MET B 326 15.11 -38.24 9.05
CA MET B 326 14.21 -37.14 8.70
C MET B 326 12.92 -37.61 8.03
N GLY B 327 12.72 -38.91 7.87
CA GLY B 327 11.46 -39.43 7.37
C GLY B 327 10.61 -39.99 8.50
N GLU B 328 11.24 -40.82 9.34
CA GLU B 328 10.53 -41.43 10.46
C GLU B 328 10.26 -40.44 11.59
N ILE B 329 10.99 -39.32 11.63
CA ILE B 329 10.89 -38.35 12.72
C ILE B 329 10.46 -37.02 12.09
N ASP B 330 9.18 -36.67 12.23
CA ASP B 330 8.74 -35.36 11.79
C ASP B 330 9.25 -34.24 12.68
N ASN B 331 9.85 -34.57 13.82
CA ASN B 331 10.38 -33.60 14.77
C ASN B 331 11.82 -33.21 14.48
N LEU B 332 12.54 -34.03 13.72
CA LEU B 332 13.97 -33.84 13.48
C LEU B 332 14.11 -33.00 12.21
N VAL B 333 14.56 -31.76 12.37
CA VAL B 333 14.58 -30.81 11.26
C VAL B 333 15.97 -30.58 10.69
N LYS B 334 17.03 -31.02 11.36
CA LYS B 334 18.38 -30.69 10.93
C LYS B 334 19.37 -31.72 11.45
N ILE B 335 20.21 -32.25 10.55
CA ILE B 335 21.32 -33.11 10.92
C ILE B 335 22.60 -32.53 10.33
N GLU B 336 23.56 -32.21 11.20
CA GLU B 336 24.84 -31.63 10.76
C GLU B 336 26.00 -32.57 11.05
#